data_7JL0
#
_entry.id   7JL0
#
_cell.length_a   1.00
_cell.length_b   1.00
_cell.length_c   1.00
_cell.angle_alpha   90.00
_cell.angle_beta   90.00
_cell.angle_gamma   90.00
#
_symmetry.space_group_name_H-M   'P 1'
#
loop_
_entity.id
_entity.type
_entity.pdbx_description
1 polymer "RNA (5'-R(P*GP*AP*CP*UP*GP*AP*CP*UP*GP*AP*CP*UP*GP*A)-3')"
2 polymer "RNA (5'-R(P*UP*CP*AP*GP*UP*CP*AP*GP*UP*CP*AP*GP*UP*C)-3')"
3 polymer 'Interferon-induced helicase C domain-containing protein 1'
4 polymer 'Tripartite motif-containing protein 65'
5 non-polymer 'ZINC ION'
6 non-polymer "ADENOSINE-5'-DIPHOSPHATE"
7 non-polymer 'TETRAFLUOROALUMINATE ION'
8 non-polymer 'MAGNESIUM ION'
#
loop_
_entity_poly.entity_id
_entity_poly.type
_entity_poly.pdbx_seq_one_letter_code
_entity_poly.pdbx_strand_id
1 'polyribonucleotide' GACUGACUGACUGA X
2 'polyribonucleotide' UCAGUCAGUCAGUC Y
3 'polypeptide(L)'
;MGSDSDEENVAARASPEPELQLRPYQMEVAQPALEGKNIIICLPTGSGKTRVAVYIAKDHLDKKKKASEPGKVIVLVNKV
LLVEQLFRKEFQPFLKKWYRVIGLSGDTQLKISFPEVVKSCDIIISTAQILENSLLNLENGEDAGVQLSDFSLIIIDECH
HTNKEAVYNNIMRHYLMQKLKNNRLKKENKPVIPLPQILGLTASPGVGGATKQAKAEEHILKLCANLDAFTIKTVKENLD
QLKNQIQEPCKKFAIADATREDPFKEKLLEIMTRIQTYCQMSPMSDFGTQPYEQWAIQMEKKAAKEGNRKERVCAEHLRK
YNEALQINDTIRMIDAYTHLETFYNEEKDKKFAVIEDDSDEGGDDEYCDGDEDEDDLKKPLKLDETDRFLMTLFFENNKM
LKRLAENPEYENEKLTKLRNTIMEQYTRTEESARGIIFTKTRQSAYALSQWITENEKFAEVGVKAHHLIGAGHSSEFKPM
TQNEQKEVISKFRTGKINLLIATTVAEEGLDIKECNIVIRYGLVTNEIAMVQARGRARADESTYVLVAHSGSGVIERETV
NDFREKMMYKAIHCVQNMKPEEYAHKILELQMQSIMEKKMKTKRNIAKHYKNNPSLITFLCKNCSVLACSGEDIHVIEKM
HHVNMTPEFKELYIVREKKTLQKKCADYQINGEIICKCGQAWGTMMVHKGLDLPCLKIRNFVVVFKNNSTKKQYKKWVEL
PITFPNLDYSECCLFSDED
;
A
4 'polypeptide(L)'
;LAPVPSTVCPLRRKLWQNYRNLTFDPVSANRHFYLSRQDQQVKHLRQSRGPGGPGSFELWQVQCAQSFQAGHHYWEVRAS
DHSVTLGVSYPQLPRSRLGPHTDNIGRGPSSWGLCVQEDSLQAWHNGEAQRLPGVSGRLLGMDLDLASGCLTFYSLEPQT
QPLYTFHALFNQPLTPVFWLLEGRTLTLCHQ
;
B
#
loop_
_chem_comp.id
_chem_comp.type
_chem_comp.name
_chem_comp.formula
A RNA linking ADENOSINE-5'-MONOPHOSPHATE 'C10 H14 N5 O7 P'
ADP non-polymer ADENOSINE-5'-DIPHOSPHATE 'C10 H15 N5 O10 P2'
ALF non-polymer 'TETRAFLUOROALUMINATE ION' 'Al F4 -1'
C RNA linking CYTIDINE-5'-MONOPHOSPHATE 'C9 H14 N3 O8 P'
G RNA linking GUANOSINE-5'-MONOPHOSPHATE 'C10 H14 N5 O8 P'
MG non-polymer 'MAGNESIUM ION' 'Mg 2'
U RNA linking URIDINE-5'-MONOPHOSPHATE 'C9 H13 N2 O9 P'
ZN non-polymer 'ZINC ION' 'Zn 2'
#
# COMPACT_ATOMS: atom_id res chain seq x y z
N GLU C 19 -9.71 -27.53 -18.14
CA GLU C 19 -8.93 -28.71 -17.76
C GLU C 19 -8.61 -28.69 -16.27
N LEU C 20 -9.50 -29.24 -15.47
CA LEU C 20 -9.33 -29.30 -14.02
C LEU C 20 -8.44 -30.47 -13.63
N GLN C 21 -7.22 -30.51 -14.16
CA GLN C 21 -6.26 -31.55 -13.80
C GLN C 21 -5.39 -30.98 -12.69
N LEU C 22 -5.80 -31.18 -11.44
CA LEU C 22 -5.09 -30.62 -10.30
C LEU C 22 -3.72 -31.23 -10.15
N ARG C 23 -2.77 -30.44 -9.68
CA ARG C 23 -1.48 -30.97 -9.30
C ARG C 23 -1.66 -31.85 -8.07
N PRO C 24 -0.70 -32.76 -7.80
CA PRO C 24 -0.92 -33.74 -6.73
C PRO C 24 -1.22 -33.14 -5.35
N TYR C 25 -0.41 -32.21 -4.86
CA TYR C 25 -0.55 -31.80 -3.46
C TYR C 25 -1.86 -31.05 -3.23
N GLN C 26 -2.35 -30.35 -4.24
CA GLN C 26 -3.69 -29.77 -4.11
C GLN C 26 -4.70 -30.86 -3.84
N MET C 27 -4.60 -31.98 -4.56
CA MET C 27 -5.49 -33.09 -4.27
C MET C 27 -5.26 -33.62 -2.87
N GLU C 28 -4.02 -33.63 -2.40
CA GLU C 28 -3.74 -34.11 -1.06
C GLU C 28 -4.50 -33.28 -0.03
N VAL C 29 -4.42 -31.96 -0.15
CA VAL C 29 -5.05 -31.10 0.84
C VAL C 29 -6.56 -31.13 0.70
N ALA C 30 -7.06 -31.30 -0.52
CA ALA C 30 -8.51 -31.25 -0.73
C ALA C 30 -9.19 -32.60 -0.55
N GLN C 31 -8.44 -33.68 -0.35
CA GLN C 31 -9.08 -34.99 -0.26
C GLN C 31 -10.10 -35.09 0.87
N PRO C 32 -9.78 -34.74 2.12
CA PRO C 32 -10.79 -34.86 3.17
C PRO C 32 -12.02 -34.01 2.93
N ALA C 33 -11.87 -32.82 2.35
CA ALA C 33 -13.02 -31.93 2.17
C ALA C 33 -13.94 -32.39 1.07
N LEU C 34 -13.52 -33.36 0.27
CA LEU C 34 -14.29 -33.73 -0.91
C LEU C 34 -15.55 -34.52 -0.55
N GLU C 35 -15.71 -34.93 0.71
CA GLU C 35 -16.93 -35.65 1.10
C GLU C 35 -17.20 -35.34 2.59
N GLY C 36 -18.15 -34.43 2.83
CA GLY C 36 -18.49 -34.03 4.18
C GLY C 36 -17.29 -33.41 4.87
N LYS C 37 -17.35 -33.36 6.20
CA LYS C 37 -16.20 -33.00 7.02
C LYS C 37 -15.68 -31.60 6.65
N ASN C 38 -16.49 -30.60 6.98
CA ASN C 38 -16.07 -29.22 6.85
C ASN C 38 -14.70 -29.00 7.48
N ILE C 39 -13.77 -28.44 6.71
CA ILE C 39 -12.39 -28.28 7.16
C ILE C 39 -11.92 -26.87 6.88
N ILE C 40 -10.64 -26.64 7.15
CA ILE C 40 -9.90 -25.47 6.70
C ILE C 40 -8.81 -25.99 5.77
N ILE C 41 -8.11 -25.07 5.12
CA ILE C 41 -7.04 -25.40 4.18
C ILE C 41 -6.06 -24.24 4.17
N CYS C 42 -4.77 -24.52 4.30
CA CYS C 42 -3.75 -23.48 4.21
C CYS C 42 -2.54 -23.99 3.47
N LEU C 43 -2.30 -23.44 2.29
CA LEU C 43 -1.07 -23.57 1.53
C LEU C 43 -0.41 -22.21 1.44
N PRO C 44 0.94 -22.08 1.33
CA PRO C 44 1.53 -20.75 1.20
C PRO C 44 1.09 -20.06 -0.10
N THR C 45 1.36 -18.76 -0.25
CA THR C 45 0.87 -18.00 -1.42
C THR C 45 1.45 -18.56 -2.72
N GLY C 46 0.69 -18.53 -3.81
CA GLY C 46 1.16 -19.09 -5.10
C GLY C 46 0.85 -20.57 -5.24
N SER C 47 0.00 -21.10 -4.37
CA SER C 47 -0.31 -22.56 -4.38
C SER C 47 -1.65 -22.87 -5.02
N GLY C 48 -2.29 -21.89 -5.67
CA GLY C 48 -3.55 -22.16 -6.37
C GLY C 48 -4.66 -22.66 -5.45
N LYS C 49 -4.81 -22.04 -4.27
CA LYS C 49 -5.91 -22.41 -3.35
C LYS C 49 -7.27 -22.15 -4.01
N THR C 50 -7.40 -21.07 -4.78
CA THR C 50 -8.70 -20.73 -5.42
C THR C 50 -9.16 -21.89 -6.32
N ARG C 51 -8.25 -22.55 -7.02
CA ARG C 51 -8.61 -23.66 -7.89
C ARG C 51 -9.01 -24.88 -7.08
N VAL C 52 -8.47 -25.05 -5.88
CA VAL C 52 -8.98 -26.07 -4.99
C VAL C 52 -10.43 -25.79 -4.67
N ALA C 53 -10.76 -24.53 -4.45
CA ALA C 53 -12.16 -24.18 -4.24
C ALA C 53 -13.00 -24.53 -5.45
N VAL C 54 -12.48 -24.26 -6.65
CA VAL C 54 -13.23 -24.53 -7.88
C VAL C 54 -13.57 -26.01 -7.96
N TYR C 55 -12.56 -26.86 -7.78
CA TYR C 55 -12.75 -28.30 -7.91
C TYR C 55 -13.71 -28.83 -6.85
N ILE C 56 -13.55 -28.36 -5.61
CA ILE C 56 -14.44 -28.83 -4.56
C ILE C 56 -15.87 -28.45 -4.86
N ALA C 57 -16.11 -27.23 -5.33
CA ALA C 57 -17.46 -26.83 -5.67
C ALA C 57 -18.02 -27.68 -6.80
N LYS C 58 -17.19 -27.98 -7.80
CA LYS C 58 -17.66 -28.79 -8.92
C LYS C 58 -18.12 -30.16 -8.45
N ASP C 59 -17.30 -30.84 -7.65
CA ASP C 59 -17.71 -32.16 -7.19
C ASP C 59 -18.91 -32.07 -6.25
N HIS C 60 -18.99 -31.03 -5.43
CA HIS C 60 -20.18 -30.89 -4.58
C HIS C 60 -21.44 -30.85 -5.41
N LEU C 61 -21.46 -29.98 -6.42
CA LEU C 61 -22.68 -29.82 -7.21
C LEU C 61 -22.98 -31.06 -8.03
N ASP C 62 -21.95 -31.70 -8.59
CA ASP C 62 -22.18 -32.92 -9.35
C ASP C 62 -22.79 -34.01 -8.48
N LYS C 63 -22.20 -34.23 -7.29
CA LYS C 63 -22.69 -35.28 -6.42
C LYS C 63 -24.12 -35.00 -5.98
N LYS C 64 -24.43 -33.74 -5.64
CA LYS C 64 -25.80 -33.46 -5.25
C LYS C 64 -26.77 -33.69 -6.41
N LYS C 65 -26.37 -33.30 -7.62
CA LYS C 65 -27.27 -33.46 -8.76
C LYS C 65 -27.54 -34.93 -9.06
N LYS C 66 -26.51 -35.78 -8.92
CA LYS C 66 -26.69 -37.20 -9.25
C LYS C 66 -27.86 -37.81 -8.48
N ALA C 67 -28.02 -37.45 -7.21
CA ALA C 67 -29.13 -37.95 -6.41
C ALA C 67 -30.34 -37.03 -6.44
N SER C 68 -30.29 -35.94 -7.21
CA SER C 68 -31.44 -35.06 -7.44
C SER C 68 -31.94 -34.42 -6.14
N GLU C 69 -31.08 -33.62 -5.54
CA GLU C 69 -31.41 -32.84 -4.35
C GLU C 69 -30.93 -31.40 -4.52
N PRO C 70 -31.59 -30.42 -3.89
CA PRO C 70 -31.30 -29.02 -4.18
C PRO C 70 -29.92 -28.61 -3.66
N GLY C 71 -29.18 -27.90 -4.50
CA GLY C 71 -27.82 -27.54 -4.17
C GLY C 71 -27.38 -26.17 -4.64
N LYS C 72 -26.66 -25.46 -3.78
CA LYS C 72 -26.21 -24.10 -4.06
C LYS C 72 -24.86 -23.91 -3.42
N VAL C 73 -24.12 -22.92 -3.89
CA VAL C 73 -22.81 -22.62 -3.34
C VAL C 73 -22.58 -21.12 -3.33
N ILE C 74 -22.09 -20.62 -2.21
CA ILE C 74 -21.84 -19.20 -2.06
C ILE C 74 -20.38 -18.98 -1.65
N VAL C 75 -19.71 -18.05 -2.32
CA VAL C 75 -18.32 -17.70 -2.07
C VAL C 75 -18.29 -16.30 -1.46
N LEU C 76 -17.74 -16.21 -0.26
CA LEU C 76 -17.63 -14.95 0.46
C LEU C 76 -16.22 -14.40 0.27
N VAL C 77 -16.12 -13.18 -0.25
CA VAL C 77 -14.86 -12.50 -0.42
C VAL C 77 -14.95 -11.20 0.38
N ASN C 78 -13.79 -10.61 0.70
CA ASN C 78 -13.78 -9.46 1.59
C ASN C 78 -13.18 -8.19 1.02
N LYS C 79 -12.78 -8.16 -0.23
CA LYS C 79 -12.46 -6.91 -0.92
C LYS C 79 -13.10 -6.92 -2.30
N VAL C 80 -13.67 -5.79 -2.71
CA VAL C 80 -14.54 -5.78 -3.90
C VAL C 80 -13.75 -6.10 -5.17
N LEU C 81 -12.55 -5.53 -5.32
CA LEU C 81 -11.66 -5.89 -6.42
C LEU C 81 -11.63 -7.40 -6.65
N LEU C 82 -11.54 -8.17 -5.58
CA LEU C 82 -11.48 -9.61 -5.72
C LEU C 82 -12.78 -10.21 -6.24
N VAL C 83 -13.91 -9.52 -6.09
CA VAL C 83 -15.15 -10.07 -6.63
C VAL C 83 -15.03 -10.24 -8.13
N GLU C 84 -14.63 -9.18 -8.81
CA GLU C 84 -14.45 -9.26 -10.26
C GLU C 84 -13.29 -10.18 -10.62
N GLN C 85 -12.21 -10.18 -9.83
CA GLN C 85 -11.13 -11.10 -10.15
C GLN C 85 -11.61 -12.55 -10.14
N LEU C 86 -12.24 -12.99 -9.06
CA LEU C 86 -12.68 -14.38 -8.97
C LEU C 86 -13.89 -14.67 -9.82
N PHE C 87 -14.58 -13.65 -10.33
CA PHE C 87 -15.67 -13.94 -11.25
C PHE C 87 -15.21 -14.03 -12.69
N ARG C 88 -14.08 -13.38 -13.02
CA ARG C 88 -13.64 -13.38 -14.41
C ARG C 88 -12.52 -14.38 -14.67
N LYS C 89 -11.61 -14.56 -13.72
CA LYS C 89 -10.45 -15.38 -14.00
C LYS C 89 -10.74 -16.86 -13.81
N GLU C 90 -11.39 -17.24 -12.70
CA GLU C 90 -11.28 -18.63 -12.26
C GLU C 90 -12.59 -19.43 -12.34
N PHE C 91 -13.67 -19.03 -11.64
CA PHE C 91 -14.90 -19.80 -11.78
C PHE C 91 -15.45 -19.76 -13.21
N GLN C 92 -15.46 -18.59 -13.82
CA GLN C 92 -16.21 -18.44 -15.07
C GLN C 92 -15.80 -19.43 -16.14
N PRO C 93 -14.55 -19.49 -16.62
CA PRO C 93 -14.21 -20.48 -17.65
C PRO C 93 -14.38 -21.93 -17.20
N PHE C 94 -13.95 -22.26 -15.98
CA PHE C 94 -13.93 -23.66 -15.59
C PHE C 94 -15.31 -24.24 -15.34
N LEU C 95 -16.31 -23.40 -15.14
CA LEU C 95 -17.69 -23.87 -14.98
C LEU C 95 -18.64 -23.10 -15.88
N LYS C 96 -18.17 -22.61 -17.03
CA LYS C 96 -19.05 -21.82 -17.90
C LYS C 96 -20.21 -22.66 -18.42
N LYS C 97 -20.00 -23.96 -18.57
CA LYS C 97 -20.93 -24.84 -19.25
C LYS C 97 -21.92 -25.53 -18.33
N TRP C 98 -21.43 -26.11 -17.24
CA TRP C 98 -22.30 -26.97 -16.44
C TRP C 98 -23.27 -26.17 -15.59
N TYR C 99 -22.88 -24.99 -15.12
CA TYR C 99 -23.66 -24.34 -14.08
C TYR C 99 -23.81 -22.85 -14.37
N ARG C 100 -24.58 -22.20 -13.51
CA ARG C 100 -24.94 -20.80 -13.65
C ARG C 100 -24.28 -19.98 -12.54
N VAL C 101 -23.35 -19.12 -12.92
CA VAL C 101 -22.50 -18.39 -11.98
C VAL C 101 -22.78 -16.90 -12.11
N ILE C 102 -22.94 -16.22 -10.99
CA ILE C 102 -23.26 -14.80 -10.99
C ILE C 102 -22.37 -14.07 -10.01
N GLY C 103 -21.82 -12.94 -10.45
CA GLY C 103 -20.89 -12.17 -9.66
C GLY C 103 -21.45 -10.86 -9.20
N LEU C 104 -21.70 -10.73 -7.89
CA LEU C 104 -22.39 -9.59 -7.31
C LEU C 104 -21.45 -8.86 -6.37
N SER C 105 -21.67 -7.57 -6.18
CA SER C 105 -20.79 -6.80 -5.31
C SER C 105 -21.54 -5.60 -4.78
N GLY C 106 -20.80 -4.64 -4.24
CA GLY C 106 -21.42 -3.46 -3.67
C GLY C 106 -21.56 -2.29 -4.62
N ASP C 107 -20.94 -2.35 -5.79
CA ASP C 107 -21.11 -1.24 -6.72
C ASP C 107 -22.22 -1.50 -7.71
N THR C 108 -22.39 -2.74 -8.15
CA THR C 108 -23.36 -3.02 -9.20
C THR C 108 -24.75 -2.59 -8.79
N GLN C 109 -25.43 -1.89 -9.69
CA GLN C 109 -26.79 -1.42 -9.46
C GLN C 109 -27.71 -2.55 -9.87
N LEU C 110 -28.02 -3.41 -8.90
CA LEU C 110 -28.91 -4.52 -9.16
C LEU C 110 -30.25 -4.02 -9.69
N LYS C 111 -30.78 -4.71 -10.69
CA LYS C 111 -32.14 -4.49 -11.15
C LYS C 111 -33.09 -5.53 -10.59
N ILE C 112 -32.75 -6.14 -9.45
CA ILE C 112 -33.50 -7.24 -8.89
C ILE C 112 -33.05 -7.44 -7.46
N SER C 113 -33.98 -7.79 -6.57
CA SER C 113 -33.68 -7.95 -5.16
C SER C 113 -32.89 -9.22 -4.90
N PHE C 114 -32.18 -9.24 -3.76
CA PHE C 114 -31.25 -10.33 -3.50
C PHE C 114 -31.88 -11.70 -3.44
N PRO C 115 -33.00 -11.94 -2.74
CA PRO C 115 -33.58 -13.28 -2.76
C PRO C 115 -33.96 -13.79 -4.15
N GLU C 116 -34.45 -12.92 -5.03
CA GLU C 116 -34.68 -13.38 -6.39
C GLU C 116 -33.37 -13.80 -7.05
N VAL C 117 -32.26 -13.11 -6.75
CA VAL C 117 -30.96 -13.51 -7.29
C VAL C 117 -30.57 -14.89 -6.76
N VAL C 118 -30.77 -15.13 -5.47
CA VAL C 118 -30.33 -16.41 -4.93
C VAL C 118 -31.16 -17.54 -5.55
N LYS C 119 -32.48 -17.34 -5.71
CA LYS C 119 -33.26 -18.35 -6.41
C LYS C 119 -32.96 -18.41 -7.90
N SER C 120 -32.30 -17.40 -8.46
CA SER C 120 -32.05 -17.34 -9.89
C SER C 120 -30.80 -18.08 -10.33
N CYS C 121 -29.75 -18.07 -9.53
CA CYS C 121 -28.48 -18.70 -9.87
C CYS C 121 -28.13 -19.74 -8.81
N ASP C 122 -26.98 -20.40 -8.98
CA ASP C 122 -26.54 -21.42 -8.02
C ASP C 122 -25.06 -21.36 -7.64
N ILE C 123 -24.23 -20.59 -8.32
CA ILE C 123 -22.93 -20.16 -7.79
C ILE C 123 -22.99 -18.66 -7.61
N ILE C 124 -22.84 -18.20 -6.37
CA ILE C 124 -22.94 -16.78 -6.07
C ILE C 124 -21.61 -16.30 -5.52
N ILE C 125 -20.96 -15.38 -6.24
CA ILE C 125 -19.71 -14.78 -5.78
C ILE C 125 -20.03 -13.42 -5.21
N SER C 126 -19.91 -13.26 -3.89
CA SER C 126 -20.34 -12.01 -3.29
C SER C 126 -19.38 -11.53 -2.21
N THR C 127 -19.50 -10.25 -1.92
CA THR C 127 -18.84 -9.66 -0.77
C THR C 127 -19.72 -9.88 0.46
N ALA C 128 -19.09 -10.31 1.55
CA ALA C 128 -19.84 -10.92 2.65
C ALA C 128 -20.85 -9.95 3.24
N GLN C 129 -20.52 -8.67 3.26
CA GLN C 129 -21.39 -7.71 3.93
C GLN C 129 -22.77 -7.67 3.30
N ILE C 130 -22.88 -7.97 2.00
CA ILE C 130 -24.18 -8.05 1.35
C ILE C 130 -25.04 -9.14 1.97
N LEU C 131 -24.48 -10.33 2.12
CA LEU C 131 -25.25 -11.40 2.75
C LEU C 131 -25.66 -10.98 4.15
N GLU C 132 -24.73 -10.40 4.90
CA GLU C 132 -25.08 -10.05 6.27
C GLU C 132 -26.20 -9.03 6.33
N ASN C 133 -26.20 -8.05 5.43
CA ASN C 133 -27.35 -7.15 5.33
C ASN C 133 -28.61 -7.94 5.08
N SER C 134 -28.59 -8.82 4.09
CA SER C 134 -29.82 -9.53 3.74
C SER C 134 -30.26 -10.51 4.81
N LEU C 135 -29.45 -10.79 5.80
CA LEU C 135 -29.81 -11.85 6.75
C LEU C 135 -30.44 -11.29 8.02
N LEU C 136 -30.08 -10.09 8.44
CA LEU C 136 -30.67 -9.47 9.62
C LEU C 136 -31.81 -8.53 9.28
N ASN C 137 -32.51 -8.78 8.18
CA ASN C 137 -33.44 -7.79 7.65
C ASN C 137 -34.87 -8.03 8.12
N LEU C 138 -35.11 -9.12 8.83
CA LEU C 138 -36.47 -9.44 9.28
C LEU C 138 -36.89 -8.60 10.47
N ALA C 144 -38.84 -12.40 1.85
CA ALA C 144 -38.81 -12.48 3.31
C ALA C 144 -37.37 -12.54 3.80
N GLY C 145 -36.43 -12.26 2.91
CA GLY C 145 -35.03 -12.36 3.27
C GLY C 145 -34.44 -13.68 2.86
N VAL C 146 -33.51 -14.21 3.67
CA VAL C 146 -32.88 -15.49 3.39
C VAL C 146 -32.40 -16.07 4.71
N GLN C 147 -32.44 -17.40 4.81
CA GLN C 147 -31.99 -18.11 6.00
C GLN C 147 -30.73 -18.89 5.68
N LEU C 148 -29.84 -18.99 6.65
CA LEU C 148 -28.52 -19.55 6.37
C LEU C 148 -28.60 -21.01 5.95
N SER C 149 -29.75 -21.66 6.13
CA SER C 149 -29.92 -23.04 5.73
C SER C 149 -30.24 -23.22 4.26
N ASP C 150 -30.58 -22.15 3.56
CA ASP C 150 -30.83 -22.26 2.13
C ASP C 150 -29.61 -22.79 1.41
N PHE C 151 -28.45 -22.23 1.72
CA PHE C 151 -27.24 -22.60 1.02
C PHE C 151 -26.79 -23.99 1.46
N SER C 152 -25.84 -24.55 0.72
CA SER C 152 -25.27 -25.85 1.05
C SER C 152 -23.77 -25.79 1.27
N LEU C 153 -23.03 -25.12 0.39
CA LEU C 153 -21.60 -24.95 0.54
C LEU C 153 -21.29 -23.47 0.76
N ILE C 154 -20.54 -23.19 1.82
CA ILE C 154 -20.13 -21.83 2.14
C ILE C 154 -18.61 -21.79 2.09
N ILE C 155 -18.07 -21.25 1.00
CA ILE C 155 -16.62 -21.09 0.86
C ILE C 155 -16.26 -19.70 1.34
N ILE C 156 -15.29 -19.60 2.22
CA ILE C 156 -14.88 -18.32 2.80
C ILE C 156 -13.42 -18.09 2.39
N ASP C 157 -13.20 -17.15 1.47
CA ASP C 157 -11.86 -16.87 1.03
C ASP C 157 -11.21 -15.88 1.97
N GLU C 158 -9.92 -16.09 2.24
CA GLU C 158 -9.19 -15.30 3.22
C GLU C 158 -9.96 -15.26 4.54
N CYS C 159 -10.09 -16.45 5.16
CA CYS C 159 -10.99 -16.59 6.31
C CYS C 159 -10.31 -16.34 7.63
N HIS C 160 -9.05 -15.93 7.65
CA HIS C 160 -8.46 -15.62 8.95
C HIS C 160 -9.07 -14.37 9.56
N HIS C 161 -9.69 -13.51 8.75
CA HIS C 161 -10.39 -12.37 9.31
C HIS C 161 -11.59 -12.77 10.16
N THR C 162 -11.84 -14.06 10.33
CA THR C 162 -12.85 -14.46 11.29
C THR C 162 -12.29 -14.26 12.69
N ASN C 163 -12.68 -13.17 13.35
CA ASN C 163 -12.15 -12.83 14.65
C ASN C 163 -13.21 -12.10 15.44
N LYS C 164 -12.78 -11.39 16.47
CA LYS C 164 -13.71 -10.80 17.42
C LYS C 164 -14.64 -9.82 16.72
N GLU C 165 -15.88 -10.26 16.51
CA GLU C 165 -16.90 -9.43 15.89
C GLU C 165 -16.37 -8.75 14.62
N ALA C 166 -16.13 -9.55 13.59
CA ALA C 166 -15.89 -9.03 12.25
C ALA C 166 -17.10 -9.26 11.37
N VAL C 167 -16.95 -8.97 10.08
CA VAL C 167 -18.07 -9.12 9.17
C VAL C 167 -18.41 -10.60 8.95
N TYR C 168 -17.40 -11.45 8.88
CA TYR C 168 -17.63 -12.88 8.75
C TYR C 168 -18.27 -13.48 10.00
N ASN C 169 -17.86 -12.99 11.16
CA ASN C 169 -18.16 -13.71 12.39
C ASN C 169 -19.63 -13.63 12.75
N ASN C 170 -20.33 -12.60 12.30
CA ASN C 170 -21.78 -12.58 12.51
C ASN C 170 -22.45 -13.75 11.81
N ILE C 171 -22.05 -14.01 10.57
CA ILE C 171 -22.57 -15.15 9.83
C ILE C 171 -22.26 -16.43 10.57
N MET C 172 -21.00 -16.61 10.93
CA MET C 172 -20.67 -17.85 11.61
C MET C 172 -21.36 -17.96 12.96
N ARG C 173 -21.77 -16.84 13.57
CA ARG C 173 -22.45 -16.95 14.85
C ARG C 173 -23.90 -17.39 14.68
N HIS C 174 -24.56 -16.98 13.60
CA HIS C 174 -25.84 -17.64 13.32
C HIS C 174 -25.64 -19.13 13.12
N TYR C 175 -24.57 -19.50 12.43
CA TYR C 175 -24.30 -20.93 12.25
C TYR C 175 -24.14 -21.63 13.59
N LEU C 176 -23.43 -21.01 14.53
CA LEU C 176 -23.20 -21.65 15.82
C LEU C 176 -24.46 -21.73 16.65
N MET C 177 -25.31 -20.70 16.60
CA MET C 177 -26.57 -20.80 17.32
C MET C 177 -27.38 -21.97 16.79
N GLN C 178 -27.42 -22.14 15.47
CA GLN C 178 -28.13 -23.30 14.93
C GLN C 178 -27.49 -24.61 15.36
N LYS C 179 -26.16 -24.66 15.44
CA LYS C 179 -25.50 -25.89 15.87
C LYS C 179 -25.87 -26.25 17.29
N LEU C 180 -25.86 -25.26 18.20
CA LEU C 180 -26.23 -25.57 19.56
C LEU C 180 -27.71 -25.93 19.64
N LYS C 181 -28.54 -25.30 18.81
CA LYS C 181 -29.93 -25.70 18.75
C LYS C 181 -30.09 -27.14 18.27
N ASN C 182 -29.21 -27.61 17.39
CA ASN C 182 -29.30 -29.01 16.96
C ASN C 182 -28.79 -29.95 18.04
N ASN C 183 -27.77 -29.54 18.79
CA ASN C 183 -27.35 -30.34 19.93
C ASN C 183 -28.46 -30.44 20.97
N ARG C 184 -29.30 -29.41 21.07
CA ARG C 184 -30.49 -29.51 21.89
C ARG C 184 -31.55 -30.38 21.24
N LEU C 185 -31.72 -30.25 19.93
CA LEU C 185 -32.73 -31.00 19.19
C LEU C 185 -32.51 -32.50 19.29
N LYS C 186 -31.25 -32.91 19.41
CA LYS C 186 -30.95 -34.34 19.44
C LYS C 186 -31.67 -35.04 20.59
N LYS C 187 -31.92 -34.32 21.68
CA LYS C 187 -32.66 -34.88 22.79
C LYS C 187 -34.16 -34.72 22.59
N VAL C 192 -33.80 -32.97 12.49
CA VAL C 192 -32.74 -31.96 12.43
C VAL C 192 -32.93 -31.09 11.19
N ILE C 193 -32.37 -29.90 11.24
CA ILE C 193 -32.25 -29.02 10.08
C ILE C 193 -30.80 -29.04 9.63
N PRO C 194 -30.48 -29.63 8.48
CA PRO C 194 -29.07 -29.76 8.10
C PRO C 194 -28.42 -28.40 7.93
N LEU C 195 -27.19 -28.31 8.37
CA LEU C 195 -26.33 -27.14 8.34
C LEU C 195 -25.40 -27.20 7.16
N PRO C 196 -25.23 -26.10 6.45
CA PRO C 196 -24.40 -26.12 5.25
C PRO C 196 -22.96 -26.48 5.54
N GLN C 197 -22.35 -27.26 4.65
CA GLN C 197 -20.95 -27.57 4.79
C GLN C 197 -20.13 -26.30 4.58
N ILE C 198 -19.08 -26.14 5.36
CA ILE C 198 -18.26 -24.94 5.36
C ILE C 198 -16.87 -25.29 4.85
N LEU C 199 -16.27 -24.38 4.11
CA LEU C 199 -14.87 -24.51 3.72
C LEU C 199 -14.22 -23.14 3.88
N GLY C 200 -12.96 -23.12 4.31
CA GLY C 200 -12.28 -21.86 4.52
C GLY C 200 -10.86 -21.89 4.00
N LEU C 201 -10.37 -20.78 3.47
CA LEU C 201 -9.05 -20.76 2.83
C LEU C 201 -8.20 -19.65 3.44
N THR C 202 -6.97 -19.96 3.81
CA THR C 202 -6.09 -19.00 4.45
C THR C 202 -4.69 -19.08 3.87
N ALA C 203 -3.84 -18.19 4.36
CA ALA C 203 -2.41 -18.28 4.14
C ALA C 203 -1.60 -18.05 5.40
N SER C 204 -2.19 -17.48 6.43
CA SER C 204 -1.50 -17.20 7.67
C SER C 204 -2.52 -16.98 8.77
N PRO C 205 -2.95 -18.03 9.47
CA PRO C 205 -4.04 -17.85 10.44
C PRO C 205 -3.69 -16.87 11.53
N GLY C 206 -2.40 -16.63 11.73
CA GLY C 206 -1.97 -15.54 12.58
C GLY C 206 -2.13 -15.80 14.07
N VAL C 207 -1.38 -15.09 14.89
CA VAL C 207 -1.46 -15.22 16.34
C VAL C 207 -1.99 -13.90 16.90
N GLY C 208 -2.91 -14.00 17.86
CA GLY C 208 -3.57 -12.81 18.36
C GLY C 208 -2.75 -12.05 19.37
N GLY C 209 -1.56 -11.64 18.96
CA GLY C 209 -0.69 -10.88 19.84
C GLY C 209 -0.23 -11.68 21.04
N ALA C 210 0.58 -12.70 20.80
CA ALA C 210 0.93 -13.66 21.83
C ALA C 210 2.44 -13.84 21.84
N THR C 211 3.02 -13.85 23.02
CA THR C 211 4.44 -14.06 23.18
C THR C 211 4.79 -15.47 23.61
N LYS C 212 3.81 -16.28 24.00
CA LYS C 212 4.06 -17.61 24.55
C LYS C 212 3.40 -18.67 23.68
N GLN C 213 3.93 -19.89 23.75
CA GLN C 213 3.40 -20.96 22.90
C GLN C 213 1.95 -21.25 23.22
N ALA C 214 1.60 -21.24 24.51
CA ALA C 214 0.25 -21.62 24.91
C ALA C 214 -0.79 -20.69 24.31
N LYS C 215 -0.49 -19.40 24.26
CA LYS C 215 -1.47 -18.47 23.71
C LYS C 215 -1.65 -18.64 22.21
N ALA C 216 -0.58 -18.92 21.47
CA ALA C 216 -0.75 -19.20 20.04
C ALA C 216 -1.58 -20.46 19.83
N GLU C 217 -1.32 -21.49 20.63
CA GLU C 217 -2.14 -22.70 20.56
C GLU C 217 -3.60 -22.35 20.79
N GLU C 218 -3.85 -21.51 21.81
CA GLU C 218 -5.22 -21.10 22.11
C GLU C 218 -5.85 -20.36 20.94
N HIS C 219 -5.11 -19.48 20.29
CA HIS C 219 -5.72 -18.68 19.23
C HIS C 219 -6.05 -19.53 18.01
N ILE C 220 -5.15 -20.44 17.64
CA ILE C 220 -5.48 -21.31 16.51
C ILE C 220 -6.70 -22.16 16.84
N LEU C 221 -6.80 -22.61 18.09
CA LEU C 221 -8.00 -23.34 18.47
C LEU C 221 -9.25 -22.47 18.35
N LYS C 222 -9.15 -21.20 18.76
CA LYS C 222 -10.32 -20.32 18.69
C LYS C 222 -10.75 -20.08 17.25
N LEU C 223 -9.79 -19.93 16.35
CA LEU C 223 -10.13 -19.79 14.93
C LEU C 223 -10.85 -21.02 14.42
N CYS C 224 -10.26 -22.20 14.64
CA CYS C 224 -10.95 -23.42 14.22
C CYS C 224 -12.33 -23.51 14.84
N ALA C 225 -12.50 -22.99 16.05
CA ALA C 225 -13.81 -23.05 16.68
C ALA C 225 -14.81 -22.20 15.93
N ASN C 226 -14.46 -20.94 15.68
CA ASN C 226 -15.42 -20.05 15.03
C ASN C 226 -15.77 -20.52 13.63
N LEU C 227 -14.83 -21.18 12.94
CA LEU C 227 -15.22 -21.72 11.64
C LEU C 227 -15.97 -23.04 11.72
N ASP C 228 -15.97 -23.69 12.89
CA ASP C 228 -16.51 -25.04 13.05
C ASP C 228 -15.83 -26.02 12.08
N ALA C 229 -14.55 -26.22 12.31
CA ALA C 229 -13.74 -27.05 11.46
C ALA C 229 -13.60 -28.45 12.04
N PHE C 230 -12.76 -29.24 11.39
CA PHE C 230 -12.34 -30.56 11.86
C PHE C 230 -10.83 -30.65 12.05
N THR C 231 -10.07 -29.90 11.27
CA THR C 231 -8.62 -29.91 11.36
C THR C 231 -8.08 -28.71 10.58
N ILE C 232 -6.76 -28.59 10.58
CA ILE C 232 -6.16 -27.59 9.72
C ILE C 232 -5.81 -28.18 8.36
N LYS C 233 -5.32 -29.42 8.34
CA LYS C 233 -5.09 -30.18 7.10
C LYS C 233 -4.13 -29.45 6.17
N THR C 234 -2.89 -29.31 6.61
CA THR C 234 -1.83 -28.74 5.80
C THR C 234 -0.98 -29.87 5.23
N VAL C 235 -0.50 -29.66 4.00
CA VAL C 235 0.13 -30.72 3.21
C VAL C 235 1.40 -31.18 3.91
N LYS C 236 1.48 -32.49 4.19
CA LYS C 236 2.63 -33.09 4.84
C LYS C 236 3.23 -34.23 4.05
N GLU C 237 2.78 -34.49 2.84
CA GLU C 237 3.30 -35.59 2.04
C GLU C 237 4.23 -35.13 0.92
N ASN C 238 3.78 -34.22 0.08
CA ASN C 238 4.51 -33.86 -1.12
C ASN C 238 5.34 -32.59 -0.91
N LEU C 239 6.20 -32.62 0.11
CA LEU C 239 6.91 -31.40 0.50
C LEU C 239 7.84 -30.90 -0.60
N ASP C 240 8.57 -31.79 -1.26
CA ASP C 240 9.54 -31.33 -2.26
C ASP C 240 8.84 -30.57 -3.40
N GLN C 241 7.72 -31.10 -3.88
CA GLN C 241 6.98 -30.42 -4.94
C GLN C 241 6.54 -29.04 -4.52
N LEU C 242 6.01 -28.91 -3.31
CA LEU C 242 5.57 -27.60 -2.85
C LEU C 242 6.73 -26.63 -2.70
N LYS C 243 7.85 -27.08 -2.12
CA LYS C 243 9.00 -26.21 -2.01
C LYS C 243 9.53 -25.81 -3.38
N ASN C 244 9.23 -26.58 -4.42
CA ASN C 244 9.65 -26.16 -5.75
C ASN C 244 8.74 -25.08 -6.35
N GLN C 245 7.42 -25.24 -6.25
CA GLN C 245 6.52 -24.27 -6.87
C GLN C 245 6.66 -22.90 -6.24
N ILE C 246 6.57 -22.82 -4.93
CA ILE C 246 6.66 -21.53 -4.24
C ILE C 246 8.12 -21.15 -4.14
N GLN C 247 8.42 -19.88 -4.40
CA GLN C 247 9.77 -19.35 -4.36
C GLN C 247 9.88 -18.42 -3.18
N GLU C 248 10.85 -18.66 -2.33
CA GLU C 248 11.16 -17.67 -1.32
C GLU C 248 11.85 -16.50 -2.01
N PRO C 249 11.27 -15.31 -2.02
CA PRO C 249 11.91 -14.19 -2.70
C PRO C 249 13.10 -13.69 -1.91
N CYS C 250 13.94 -12.92 -2.59
CA CYS C 250 15.12 -12.34 -1.95
C CYS C 250 14.72 -11.11 -1.16
N LYS C 251 15.01 -11.10 0.13
CA LYS C 251 14.75 -9.97 1.00
C LYS C 251 15.90 -8.99 0.92
N LYS C 252 15.61 -7.70 0.87
CA LYS C 252 16.70 -6.75 0.89
C LYS C 252 16.28 -5.45 1.55
N PHE C 253 17.27 -4.77 2.14
CA PHE C 253 17.07 -3.67 3.08
C PHE C 253 17.69 -2.41 2.51
N ALA C 254 16.87 -1.45 2.12
CA ALA C 254 17.36 -0.14 1.70
C ALA C 254 17.06 0.83 2.82
N ILE C 255 18.09 1.27 3.53
CA ILE C 255 17.92 2.04 4.76
C ILE C 255 18.90 3.21 4.74
N ALA C 256 18.43 4.35 5.23
CA ALA C 256 19.22 5.57 5.24
C ALA C 256 18.77 6.43 6.41
N ASP C 257 19.63 7.37 6.80
CA ASP C 257 19.31 8.36 7.82
C ASP C 257 20.34 9.50 7.84
N ARG C 260 21.86 15.17 5.11
CA ARG C 260 21.46 16.34 4.33
C ARG C 260 20.84 17.40 5.24
N GLU C 261 21.46 18.57 5.26
CA GLU C 261 21.02 19.69 6.09
C GLU C 261 19.97 20.49 5.32
N ASP C 262 18.86 20.79 5.99
CA ASP C 262 17.86 21.60 5.32
C ASP C 262 17.12 22.48 6.33
N PRO C 263 16.93 23.76 6.01
CA PRO C 263 16.28 24.67 6.97
C PRO C 263 14.85 24.26 7.30
N PHE C 264 14.14 23.67 6.35
CA PHE C 264 12.67 23.69 6.38
C PHE C 264 12.12 23.14 7.68
N LYS C 265 12.59 21.97 8.13
CA LYS C 265 12.09 21.41 9.37
C LYS C 265 12.33 22.37 10.52
N GLU C 266 13.59 22.80 10.70
CA GLU C 266 13.89 23.71 11.80
C GLU C 266 13.43 25.13 11.48
N LYS C 267 13.39 25.50 10.20
CA LYS C 267 12.84 26.81 9.86
C LYS C 267 11.41 26.92 10.34
N LEU C 268 10.60 25.88 10.15
CA LEU C 268 9.24 25.91 10.68
C LEU C 268 9.20 25.68 12.18
N LEU C 269 10.17 24.94 12.74
CA LEU C 269 10.26 24.87 14.19
C LEU C 269 10.35 26.26 14.80
N GLU C 270 11.08 27.15 14.13
CA GLU C 270 11.11 28.55 14.54
C GLU C 270 9.70 29.10 14.72
N ILE C 271 8.89 29.08 13.66
CA ILE C 271 7.57 29.69 13.71
C ILE C 271 6.72 29.01 14.76
N MET C 272 6.68 27.68 14.76
CA MET C 272 5.79 27.00 15.69
C MET C 272 6.24 27.19 17.13
N THR C 273 7.54 27.30 17.40
CA THR C 273 7.99 27.60 18.76
C THR C 273 7.51 28.98 19.18
N ARG C 274 7.59 29.95 18.27
CA ARG C 274 7.07 31.27 18.61
C ARG C 274 5.57 31.22 18.86
N ILE C 275 4.85 30.43 18.07
CA ILE C 275 3.41 30.35 18.22
C ILE C 275 3.05 29.72 19.55
N GLN C 276 3.80 28.71 19.97
CA GLN C 276 3.56 28.15 21.30
C GLN C 276 3.90 29.16 22.39
N THR C 277 5.02 29.87 22.24
CA THR C 277 5.44 30.85 23.24
C THR C 277 4.39 31.94 23.42
N TYR C 278 3.65 32.25 22.35
CA TYR C 278 2.57 33.23 22.47
C TYR C 278 1.62 32.87 23.61
N CYS C 279 1.37 31.58 23.82
CA CYS C 279 0.49 31.13 24.88
C CYS C 279 1.20 30.26 25.91
N GLN C 280 2.48 29.95 25.71
CA GLN C 280 3.30 29.27 26.70
C GLN C 280 2.70 27.93 27.11
N MET C 281 2.44 27.07 26.13
CA MET C 281 1.92 25.75 26.40
C MET C 281 3.07 24.77 26.68
N SER C 282 2.73 23.63 27.25
CA SER C 282 3.71 22.64 27.68
C SER C 282 3.90 21.58 26.61
N PRO C 283 5.10 21.41 26.07
CA PRO C 283 5.32 20.39 25.05
C PRO C 283 5.09 18.97 25.56
N MET C 284 5.84 18.59 26.60
CA MET C 284 5.91 17.23 27.14
C MET C 284 6.59 16.26 26.20
N SER C 285 7.00 16.71 25.01
CA SER C 285 7.77 15.92 24.06
C SER C 285 8.19 16.81 22.91
N ASP C 286 9.17 16.32 22.15
CA ASP C 286 9.69 17.07 21.02
C ASP C 286 8.68 17.12 19.89
N PHE C 287 9.09 17.70 18.77
CA PHE C 287 8.18 17.91 17.65
C PHE C 287 8.35 16.81 16.60
N GLY C 288 7.34 16.69 15.75
CA GLY C 288 7.35 15.74 14.65
C GLY C 288 6.89 14.35 15.00
N THR C 289 6.39 14.12 16.21
CA THR C 289 6.01 12.78 16.64
C THR C 289 4.61 12.78 17.23
N GLN C 290 4.02 11.59 17.24
CA GLN C 290 2.60 11.44 17.54
C GLN C 290 2.16 12.00 18.88
N PRO C 291 2.87 11.79 20.00
CA PRO C 291 2.39 12.34 21.27
C PRO C 291 2.10 13.82 21.22
N TYR C 292 2.88 14.59 20.46
CA TYR C 292 2.62 16.02 20.34
C TYR C 292 1.26 16.27 19.71
N GLU C 293 0.94 15.52 18.65
CA GLU C 293 -0.35 15.69 17.99
C GLU C 293 -1.49 15.32 18.92
N GLN C 294 -1.35 14.21 19.64
CA GLN C 294 -2.40 13.83 20.59
C GLN C 294 -2.57 14.89 21.66
N TRP C 295 -1.46 15.41 22.18
CA TRP C 295 -1.50 16.46 23.19
C TRP C 295 -2.26 17.67 22.69
N ALA C 296 -1.97 18.08 21.45
CA ALA C 296 -2.69 19.21 20.87
C ALA C 296 -4.18 18.93 20.83
N ILE C 297 -4.55 17.70 20.47
CA ILE C 297 -5.97 17.37 20.43
C ILE C 297 -6.61 17.58 21.79
N GLN C 298 -6.03 17.00 22.85
CA GLN C 298 -6.75 17.08 24.12
C GLN C 298 -6.76 18.50 24.67
N MET C 299 -5.66 19.23 24.50
CA MET C 299 -5.65 20.61 24.96
C MET C 299 -6.70 21.44 24.23
N GLU C 300 -6.79 21.27 22.91
CA GLU C 300 -7.84 21.92 22.16
C GLU C 300 -9.20 21.59 22.74
N LYS C 301 -9.42 20.31 23.05
CA LYS C 301 -10.73 19.90 23.54
C LYS C 301 -11.06 20.56 24.87
N LYS C 302 -10.13 20.50 25.82
CA LYS C 302 -10.41 21.09 27.13
C LYS C 302 -10.58 22.59 27.05
N ALA C 303 -9.75 23.27 26.27
CA ALA C 303 -9.91 24.71 26.12
C ALA C 303 -11.27 25.05 25.53
N ALA C 304 -11.69 24.31 24.50
CA ALA C 304 -12.99 24.57 23.90
C ALA C 304 -14.10 24.36 24.92
N LYS C 305 -13.96 23.34 25.76
CA LYS C 305 -14.94 23.14 26.82
C LYS C 305 -14.99 24.34 27.76
N GLU C 306 -13.81 24.89 28.09
CA GLU C 306 -13.78 26.10 28.91
C GLU C 306 -14.41 27.30 28.20
N GLY C 307 -14.14 27.47 26.91
CA GLY C 307 -14.48 28.68 26.20
C GLY C 307 -13.31 29.62 25.98
N ASN C 308 -12.10 29.19 26.31
CA ASN C 308 -10.92 30.04 26.28
C ASN C 308 -10.48 30.26 24.84
N ARG C 309 -11.05 31.27 24.18
CA ARG C 309 -10.53 31.68 22.89
C ARG C 309 -9.12 32.25 23.06
N LYS C 310 -8.52 32.64 21.93
CA LYS C 310 -7.14 33.13 21.89
C LYS C 310 -6.18 31.97 22.09
N GLU C 311 -6.72 30.81 22.43
CA GLU C 311 -5.95 29.59 22.64
C GLU C 311 -6.36 28.48 21.68
N ARG C 312 -7.66 28.33 21.46
CA ARG C 312 -8.17 27.33 20.53
C ARG C 312 -7.53 27.47 19.16
N VAL C 313 -7.60 28.66 18.58
CA VAL C 313 -7.07 28.85 17.24
C VAL C 313 -5.58 28.56 17.22
N CYS C 314 -4.86 29.03 18.23
CA CYS C 314 -3.42 28.79 18.29
C CYS C 314 -3.10 27.31 18.37
N ALA C 315 -3.80 26.57 19.23
CA ALA C 315 -3.53 25.15 19.37
C ALA C 315 -3.80 24.42 18.06
N GLU C 316 -4.90 24.75 17.40
CA GLU C 316 -5.23 24.04 16.17
C GLU C 316 -4.22 24.38 15.07
N HIS C 317 -3.74 25.62 15.04
CA HIS C 317 -2.75 25.98 14.03
C HIS C 317 -1.43 25.27 14.28
N LEU C 318 -1.00 25.15 15.54
CA LEU C 318 0.23 24.41 15.80
C LEU C 318 0.06 22.94 15.44
N ARG C 319 -1.13 22.39 15.66
CA ARG C 319 -1.41 21.04 15.18
C ARG C 319 -1.21 20.94 13.67
N LYS C 320 -1.74 21.93 12.94
CA LYS C 320 -1.59 21.91 11.48
C LYS C 320 -0.12 21.96 11.09
N TYR C 321 0.66 22.77 11.80
CA TYR C 321 2.08 22.85 11.47
C TYR C 321 2.78 21.51 11.72
N ASN C 322 2.43 20.84 12.81
CA ASN C 322 3.05 19.54 13.07
C ASN C 322 2.69 18.53 12.00
N GLU C 323 1.41 18.53 11.59
CA GLU C 323 1.03 17.67 10.48
C GLU C 323 1.86 17.98 9.24
N ALA C 324 2.14 19.26 9.00
CA ALA C 324 2.97 19.63 7.87
C ALA C 324 4.35 19.00 7.99
N LEU C 325 4.94 19.06 9.18
CA LEU C 325 6.26 18.42 9.37
C LEU C 325 6.18 16.92 9.09
N GLN C 326 5.13 16.27 9.58
CA GLN C 326 5.04 14.82 9.41
C GLN C 326 4.88 14.45 7.94
N ILE C 327 4.08 15.20 7.20
CA ILE C 327 3.96 14.96 5.77
C ILE C 327 5.30 15.22 5.09
N ASN C 328 6.03 16.25 5.52
CA ASN C 328 7.36 16.49 4.99
C ASN C 328 8.27 15.29 5.22
N ASP C 329 8.08 14.62 6.35
CA ASP C 329 8.76 13.34 6.55
C ASP C 329 8.41 12.35 5.46
N THR C 330 7.11 12.11 5.25
CA THR C 330 6.73 10.99 4.40
C THR C 330 7.01 11.26 2.92
N ILE C 331 6.61 12.42 2.41
CA ILE C 331 6.56 12.61 0.97
C ILE C 331 7.41 13.84 0.60
N ARG C 332 7.38 14.22 -0.68
CA ARG C 332 8.18 15.32 -1.18
C ARG C 332 7.68 16.66 -0.64
N MET C 333 8.58 17.64 -0.68
CA MET C 333 8.44 18.88 0.08
C MET C 333 7.26 19.71 -0.38
N ILE C 334 7.06 19.78 -1.69
CA ILE C 334 6.03 20.64 -2.26
C ILE C 334 4.67 20.25 -1.73
N ASP C 335 4.45 18.96 -1.45
CA ASP C 335 3.15 18.53 -0.93
C ASP C 335 2.91 19.11 0.46
N ALA C 336 3.95 19.16 1.29
CA ALA C 336 3.80 19.80 2.59
C ALA C 336 3.47 21.27 2.45
N TYR C 337 4.19 21.97 1.58
CA TYR C 337 3.89 23.39 1.41
C TYR C 337 2.47 23.59 0.89
N THR C 338 2.02 22.72 -0.01
CA THR C 338 0.66 22.83 -0.52
C THR C 338 -0.37 22.59 0.58
N HIS C 339 -0.12 21.63 1.46
CA HIS C 339 -1.04 21.43 2.58
C HIS C 339 -1.15 22.70 3.40
N LEU C 340 -0.02 23.32 3.70
CA LEU C 340 -0.04 24.55 4.50
C LEU C 340 -0.83 25.65 3.80
N GLU C 341 -0.45 25.98 2.56
CA GLU C 341 -1.09 27.09 1.86
C GLU C 341 -2.55 26.81 1.58
N THR C 342 -2.91 25.56 1.30
CA THR C 342 -4.30 25.19 1.05
C THR C 342 -5.15 25.31 2.29
N PHE C 343 -4.58 25.10 3.49
CA PHE C 343 -5.35 25.43 4.68
C PHE C 343 -5.52 26.94 4.81
N TYR C 344 -4.43 27.68 4.68
CA TYR C 344 -4.48 29.06 5.14
C TYR C 344 -5.28 29.95 4.18
N ASN C 345 -5.11 29.77 2.87
CA ASN C 345 -5.85 30.63 1.95
C ASN C 345 -7.34 30.43 2.08
N GLU C 346 -7.78 29.18 2.28
CA GLU C 346 -9.20 28.97 2.52
C GLU C 346 -9.62 29.58 3.85
N GLU C 347 -8.72 29.58 4.85
CA GLU C 347 -9.04 30.25 6.09
C GLU C 347 -9.37 31.72 5.84
N LYS C 348 -8.50 32.40 5.10
CA LYS C 348 -8.72 33.83 4.89
C LYS C 348 -9.91 34.08 3.98
N ASP C 349 -10.18 33.18 3.04
CA ASP C 349 -11.39 33.31 2.23
C ASP C 349 -12.64 33.25 3.10
N LYS C 350 -12.68 32.30 4.03
CA LYS C 350 -13.82 32.24 4.94
C LYS C 350 -13.91 33.52 5.77
N LYS C 351 -12.77 33.99 6.27
CA LYS C 351 -12.78 35.12 7.19
C LYS C 351 -13.19 36.42 6.51
N PHE C 352 -12.79 36.65 5.27
CA PHE C 352 -13.12 37.92 4.66
C PHE C 352 -14.57 37.98 4.17
N ALA C 353 -15.31 36.88 4.29
CA ALA C 353 -16.72 36.88 3.94
C ALA C 353 -17.58 37.55 5.00
N VAL C 354 -17.22 37.40 6.27
CA VAL C 354 -17.98 38.05 7.33
C VAL C 354 -17.82 39.56 7.24
N ILE C 355 -16.77 40.02 6.54
CA ILE C 355 -16.56 41.46 6.34
C ILE C 355 -17.70 42.05 5.52
N GLU C 356 -18.13 41.33 4.49
CA GLU C 356 -19.24 41.78 3.64
C GLU C 356 -20.58 41.33 4.22
N GLU C 385 -9.07 39.78 17.70
CA GLU C 385 -7.80 40.33 18.14
C GLU C 385 -6.65 39.39 17.86
N THR C 386 -6.77 38.15 18.36
CA THR C 386 -5.69 37.19 18.26
C THR C 386 -5.52 36.71 16.82
N ASP C 387 -6.60 36.77 16.03
CA ASP C 387 -6.61 36.13 14.73
C ASP C 387 -5.49 36.64 13.84
N ARG C 388 -5.38 37.96 13.67
CA ARG C 388 -4.39 38.54 12.76
C ARG C 388 -2.98 38.11 13.10
N PHE C 389 -2.72 37.79 14.37
CA PHE C 389 -1.38 37.48 14.83
C PHE C 389 -0.77 36.35 14.05
N LEU C 390 -1.61 35.47 13.49
CA LEU C 390 -1.11 34.32 12.74
C LEU C 390 -0.75 34.68 11.32
N MET C 391 -1.72 35.20 10.55
CA MET C 391 -1.47 35.47 9.14
C MET C 391 -0.38 36.51 8.93
N THR C 392 -0.35 37.55 9.77
CA THR C 392 0.65 38.61 9.55
C THR C 392 2.08 38.08 9.61
N LEU C 393 2.28 36.92 10.23
CA LEU C 393 3.54 36.20 10.26
C LEU C 393 3.63 35.16 9.14
N PHE C 394 2.54 34.40 9.02
CA PHE C 394 2.50 33.25 8.14
C PHE C 394 2.77 33.64 6.70
N PHE C 395 2.26 34.78 6.25
CA PHE C 395 2.38 35.08 4.81
C PHE C 395 3.80 35.45 4.41
N GLU C 396 4.49 36.26 5.21
CA GLU C 396 5.90 36.48 4.93
C GLU C 396 6.64 35.15 4.95
N ASN C 397 6.43 34.36 6.00
CA ASN C 397 7.18 33.13 6.09
C ASN C 397 6.82 32.14 4.98
N ASN C 398 5.59 32.16 4.45
CA ASN C 398 5.27 31.15 3.47
C ASN C 398 5.75 31.55 2.10
N LYS C 399 5.80 32.86 1.80
CA LYS C 399 6.53 33.26 0.60
C LYS C 399 7.96 32.78 0.69
N MET C 400 8.58 32.96 1.86
CA MET C 400 9.93 32.43 2.06
C MET C 400 9.96 30.94 1.77
N LEU C 401 9.00 30.18 2.31
CA LEU C 401 8.99 28.74 2.12
C LEU C 401 8.86 28.39 0.65
N LYS C 402 7.87 28.98 -0.03
CA LYS C 402 7.59 28.62 -1.40
C LYS C 402 8.83 28.82 -2.26
N ARG C 403 9.57 29.90 -2.02
CA ARG C 403 10.85 30.00 -2.72
C ARG C 403 11.86 28.98 -2.21
N LEU C 404 11.75 28.57 -0.94
CA LEU C 404 12.71 27.60 -0.40
C LEU C 404 12.44 26.20 -0.91
N ALA C 405 11.17 25.80 -0.96
CA ALA C 405 10.85 24.42 -1.27
C ALA C 405 11.05 24.10 -2.74
N GLU C 406 10.89 25.10 -3.62
CA GLU C 406 11.03 24.84 -5.05
C GLU C 406 12.44 24.43 -5.42
N ASN C 407 13.42 24.77 -4.59
CA ASN C 407 14.83 24.47 -4.88
C ASN C 407 15.05 22.97 -4.75
N PRO C 408 15.27 22.27 -5.86
CA PRO C 408 15.21 20.80 -5.85
C PRO C 408 16.48 20.12 -5.38
N GLU C 409 17.59 20.83 -5.25
CA GLU C 409 18.80 20.20 -4.74
C GLU C 409 18.63 19.78 -3.30
N TYR C 410 17.76 20.46 -2.56
CA TYR C 410 17.34 19.98 -1.26
C TYR C 410 16.27 18.93 -1.43
N GLU C 411 16.20 18.02 -0.46
CA GLU C 411 15.50 16.76 -0.70
C GLU C 411 15.15 16.17 0.65
N ASN C 412 14.28 15.17 0.61
CA ASN C 412 14.06 14.34 1.78
C ASN C 412 15.11 13.24 1.79
N GLU C 413 15.18 12.49 2.90
CA GLU C 413 16.17 11.43 3.00
C GLU C 413 15.64 10.11 2.46
N LYS C 414 14.41 9.74 2.84
CA LYS C 414 13.84 8.47 2.41
C LYS C 414 13.69 8.42 0.89
N LEU C 415 13.19 9.50 0.30
CA LEU C 415 12.93 9.52 -1.12
C LEU C 415 14.17 9.24 -1.93
N THR C 416 15.34 9.64 -1.43
CA THR C 416 16.55 9.39 -2.20
C THR C 416 16.85 7.91 -2.30
N LYS C 417 16.70 7.17 -1.19
CA LYS C 417 16.92 5.74 -1.25
C LYS C 417 15.89 5.07 -2.14
N LEU C 418 14.63 5.50 -2.06
CA LEU C 418 13.62 4.93 -2.95
C LEU C 418 13.95 5.22 -4.40
N ARG C 419 14.43 6.42 -4.68
CA ARG C 419 14.83 6.77 -6.04
C ARG C 419 15.95 5.86 -6.51
N ASN C 420 16.92 5.58 -5.65
CA ASN C 420 18.01 4.72 -6.06
C ASN C 420 17.48 3.33 -6.39
N THR C 421 16.63 2.80 -5.50
CA THR C 421 16.12 1.44 -5.69
C THR C 421 15.36 1.30 -7.00
N ILE C 422 14.36 2.16 -7.21
CA ILE C 422 13.47 1.98 -8.36
C ILE C 422 14.26 1.98 -9.65
N MET C 423 15.09 3.02 -9.84
CA MET C 423 15.71 3.18 -11.14
C MET C 423 16.80 2.15 -11.36
N GLU C 424 17.63 1.89 -10.34
CA GLU C 424 18.66 0.88 -10.49
C GLU C 424 18.05 -0.46 -10.90
N GLN C 425 16.99 -0.85 -10.23
CA GLN C 425 16.49 -2.21 -10.36
C GLN C 425 15.76 -2.36 -11.68
N TYR C 426 15.04 -1.32 -12.09
CA TYR C 426 14.44 -1.34 -13.43
C TYR C 426 15.51 -1.35 -14.52
N THR C 427 16.62 -0.64 -14.31
CA THR C 427 17.66 -0.64 -15.32
C THR C 427 18.22 -2.04 -15.51
N ARG C 428 18.40 -2.78 -14.41
CA ARG C 428 18.94 -4.12 -14.56
C ARG C 428 17.93 -5.07 -15.19
N THR C 429 16.62 -4.83 -14.97
CA THR C 429 15.63 -5.81 -15.42
C THR C 429 15.58 -5.94 -16.95
N GLU C 430 15.59 -4.83 -17.67
CA GLU C 430 15.43 -4.80 -19.14
C GLU C 430 14.07 -5.36 -19.56
N GLU C 431 13.05 -4.55 -19.30
CA GLU C 431 11.69 -4.60 -19.88
C GLU C 431 10.94 -5.89 -19.55
N SER C 432 11.39 -6.63 -18.57
CA SER C 432 10.59 -7.68 -17.96
C SER C 432 10.52 -7.36 -16.48
N ALA C 433 9.61 -6.47 -16.12
CA ALA C 433 9.60 -5.93 -14.77
C ALA C 433 8.28 -5.27 -14.47
N ARG C 434 7.60 -5.78 -13.46
CA ARG C 434 6.43 -5.14 -12.88
C ARG C 434 6.70 -4.94 -11.41
N GLY C 435 6.21 -3.84 -10.85
CA GLY C 435 6.51 -3.52 -9.47
C GLY C 435 5.28 -3.00 -8.76
N ILE C 436 5.19 -3.32 -7.48
CA ILE C 436 4.14 -2.80 -6.62
C ILE C 436 4.79 -2.17 -5.40
N ILE C 437 4.45 -0.92 -5.13
CA ILE C 437 4.98 -0.19 -3.99
C ILE C 437 3.86 0.02 -3.00
N PHE C 438 4.02 -0.54 -1.80
CA PHE C 438 3.00 -0.49 -0.77
C PHE C 438 3.24 0.70 0.14
N THR C 439 2.19 1.45 0.44
CA THR C 439 2.30 2.60 1.30
C THR C 439 1.16 2.61 2.32
N LYS C 440 1.01 3.72 3.02
CA LYS C 440 0.06 3.81 4.13
C LYS C 440 -1.12 4.71 3.84
N THR C 441 -0.90 5.91 3.30
CA THR C 441 -1.95 6.90 3.15
C THR C 441 -2.27 7.17 1.69
N ARG C 442 -3.54 7.44 1.41
CA ARG C 442 -3.98 7.77 0.06
C ARG C 442 -3.16 8.92 -0.51
N GLN C 443 -3.09 10.02 0.24
CA GLN C 443 -2.33 11.17 -0.21
C GLN C 443 -0.93 10.77 -0.60
N SER C 444 -0.32 9.85 0.16
CA SER C 444 1.00 9.36 -0.21
C SER C 444 0.97 8.72 -1.57
N ALA C 445 -0.07 7.94 -1.86
CA ALA C 445 -0.16 7.29 -3.15
C ALA C 445 -0.17 8.31 -4.27
N TYR C 446 -1.09 9.27 -4.19
CA TYR C 446 -1.20 10.21 -5.29
C TYR C 446 0.08 11.01 -5.46
N ALA C 447 0.69 11.40 -4.34
CA ALA C 447 1.89 12.20 -4.42
C ALA C 447 3.04 11.43 -5.06
N LEU C 448 3.17 10.14 -4.73
CA LEU C 448 4.21 9.33 -5.38
C LEU C 448 3.95 9.20 -6.87
N SER C 449 2.68 9.08 -7.27
CA SER C 449 2.38 9.02 -8.70
C SER C 449 2.86 10.29 -9.40
N GLN C 450 2.51 11.45 -8.84
CA GLN C 450 2.97 12.72 -9.40
C GLN C 450 4.50 12.75 -9.48
N TRP C 451 5.17 12.43 -8.38
CA TRP C 451 6.63 12.55 -8.35
C TRP C 451 7.27 11.62 -9.36
N ILE C 452 6.64 10.49 -9.67
CA ILE C 452 7.16 9.63 -10.73
C ILE C 452 6.96 10.28 -12.09
N THR C 453 5.82 10.94 -12.29
CA THR C 453 5.56 11.51 -13.61
C THR C 453 6.42 12.73 -13.89
N GLU C 454 6.66 13.59 -12.90
CA GLU C 454 7.26 14.90 -13.19
C GLU C 454 8.69 14.80 -13.69
N ASN C 455 9.63 14.36 -12.85
CA ASN C 455 11.03 14.38 -13.24
C ASN C 455 11.24 13.36 -14.36
N GLU C 456 11.99 13.76 -15.38
CA GLU C 456 11.95 13.08 -16.67
C GLU C 456 12.91 11.91 -16.78
N LYS C 457 13.83 11.72 -15.84
CA LYS C 457 14.80 10.65 -16.00
C LYS C 457 14.15 9.28 -15.93
N PHE C 458 13.10 9.14 -15.13
CA PHE C 458 12.46 7.83 -14.98
C PHE C 458 11.83 7.37 -16.28
N ALA C 459 11.10 8.25 -16.95
CA ALA C 459 10.32 7.83 -18.12
C ALA C 459 11.19 7.27 -19.24
N GLU C 460 12.48 7.60 -19.25
CA GLU C 460 13.35 7.03 -20.27
C GLU C 460 13.71 5.59 -19.97
N VAL C 461 13.77 5.20 -18.70
CA VAL C 461 14.09 3.83 -18.35
C VAL C 461 12.87 2.93 -18.43
N GLY C 462 11.72 3.47 -18.80
CA GLY C 462 10.56 2.66 -19.11
C GLY C 462 9.59 2.43 -17.99
N VAL C 463 9.70 3.16 -16.89
CA VAL C 463 8.73 3.04 -15.82
C VAL C 463 7.50 3.86 -16.17
N LYS C 464 6.34 3.22 -16.16
CA LYS C 464 5.06 3.87 -16.36
C LYS C 464 4.22 3.62 -15.12
N ALA C 465 3.75 4.67 -14.47
CA ALA C 465 3.23 4.54 -13.11
C ALA C 465 1.79 5.01 -13.01
N HIS C 466 1.10 4.48 -12.01
CA HIS C 466 -0.25 4.90 -11.69
C HIS C 466 -0.53 4.50 -10.25
N HIS C 467 -1.52 5.15 -9.65
CA HIS C 467 -1.89 4.89 -8.28
C HIS C 467 -3.17 4.06 -8.21
N LEU C 468 -3.23 3.13 -7.26
CA LEU C 468 -4.41 2.31 -7.04
C LEU C 468 -4.84 2.48 -5.60
N ILE C 469 -6.03 3.05 -5.38
CA ILE C 469 -6.55 3.18 -4.03
C ILE C 469 -8.01 2.78 -4.04
N GLY C 470 -8.60 2.74 -2.86
CA GLY C 470 -9.98 2.30 -2.74
C GLY C 470 -10.96 3.41 -2.99
N ALA C 471 -12.19 3.01 -3.29
CA ALA C 471 -13.24 3.96 -3.59
C ALA C 471 -13.72 4.65 -2.30
N GLY C 472 -14.67 5.56 -2.48
CA GLY C 472 -15.27 6.24 -1.34
C GLY C 472 -14.51 7.47 -0.90
N SER C 474 -10.48 11.76 -0.22
CA SER C 474 -11.25 12.25 0.92
C SER C 474 -11.05 13.75 1.11
N SER C 475 -11.79 14.54 0.34
CA SER C 475 -11.73 16.01 0.41
C SER C 475 -10.31 16.51 0.13
N GLU C 476 -9.79 16.10 -1.02
CA GLU C 476 -8.42 16.41 -1.42
C GLU C 476 -8.30 16.21 -2.92
N PHE C 477 -7.08 15.90 -3.34
CA PHE C 477 -6.59 15.87 -4.71
C PHE C 477 -7.59 15.45 -5.79
N LYS C 478 -8.07 14.21 -5.80
CA LYS C 478 -9.21 13.76 -6.61
C LYS C 478 -9.53 12.32 -6.23
N PRO C 479 -10.78 11.97 -6.00
CA PRO C 479 -11.09 10.59 -5.60
C PRO C 479 -11.18 9.67 -6.80
N MET C 480 -10.47 8.55 -6.72
CA MET C 480 -10.66 7.48 -7.68
C MET C 480 -11.97 6.77 -7.41
N THR C 481 -12.64 6.36 -8.48
CA THR C 481 -13.93 5.69 -8.36
C THR C 481 -13.89 4.32 -9.02
N GLN C 482 -14.91 3.53 -8.72
CA GLN C 482 -14.85 2.08 -8.92
C GLN C 482 -14.39 1.71 -10.31
N ASN C 483 -15.02 2.29 -11.33
CA ASN C 483 -14.70 1.89 -12.69
C ASN C 483 -13.30 2.35 -13.09
N GLU C 484 -12.87 3.50 -12.59
CA GLU C 484 -11.49 3.91 -12.85
C GLU C 484 -10.52 2.90 -12.29
N GLN C 485 -10.79 2.39 -11.08
CA GLN C 485 -9.93 1.39 -10.47
C GLN C 485 -9.88 0.12 -11.29
N LYS C 486 -11.05 -0.34 -11.76
CA LYS C 486 -11.07 -1.56 -12.55
C LYS C 486 -10.29 -1.37 -13.84
N GLU C 487 -10.44 -0.21 -14.47
CA GLU C 487 -9.64 0.06 -15.65
C GLU C 487 -8.15 0.13 -15.32
N VAL C 488 -7.80 0.57 -14.13
CA VAL C 488 -6.39 0.66 -13.76
C VAL C 488 -5.78 -0.74 -13.66
N ILE C 489 -6.44 -1.64 -12.93
CA ILE C 489 -5.86 -2.98 -12.85
C ILE C 489 -5.91 -3.66 -14.21
N SER C 490 -6.88 -3.30 -15.06
CA SER C 490 -6.92 -3.86 -16.40
C SER C 490 -5.73 -3.40 -17.23
N LYS C 491 -5.38 -2.12 -17.13
CA LYS C 491 -4.19 -1.61 -17.81
C LYS C 491 -2.93 -2.24 -17.24
N PHE C 492 -2.96 -2.59 -15.95
CA PHE C 492 -1.75 -3.11 -15.30
C PHE C 492 -1.48 -4.55 -15.65
N ARG C 493 -2.51 -5.36 -15.88
CA ARG C 493 -2.23 -6.76 -16.15
C ARG C 493 -1.52 -6.97 -17.48
N THR C 494 -1.91 -6.24 -18.53
CA THR C 494 -1.26 -6.44 -19.82
C THR C 494 0.18 -5.95 -19.82
N GLY C 495 0.42 -4.76 -19.27
CA GLY C 495 1.74 -4.17 -19.28
C GLY C 495 2.14 -2.82 -19.80
N LYS C 496 1.20 -1.87 -19.87
CA LYS C 496 1.54 -0.45 -20.22
C LYS C 496 1.53 0.55 -18.97
N ILE C 497 1.11 -0.02 -17.85
CA ILE C 497 1.28 0.58 -16.54
C ILE C 497 2.21 -0.38 -15.81
N ASN C 498 3.32 0.13 -15.29
CA ASN C 498 4.37 -0.80 -14.90
C ASN C 498 4.76 -0.72 -13.44
N LEU C 499 4.67 0.42 -12.76
CA LEU C 499 5.07 0.54 -11.35
C LEU C 499 3.88 1.02 -10.55
N LEU C 500 3.03 0.09 -10.14
CA LEU C 500 1.78 0.43 -9.50
C LEU C 500 2.03 0.81 -8.05
N ILE C 501 1.48 1.94 -7.62
CA ILE C 501 1.64 2.41 -6.24
C ILE C 501 0.31 2.26 -5.51
N ALA C 502 0.29 1.46 -4.45
CA ALA C 502 -0.95 1.00 -3.86
C ALA C 502 -0.94 1.18 -2.34
N THR C 503 -2.13 1.03 -1.77
CA THR C 503 -2.37 1.04 -0.35
C THR C 503 -2.94 -0.31 0.06
N THR C 504 -3.42 -0.41 1.30
CA THR C 504 -3.80 -1.68 1.88
C THR C 504 -4.73 -2.51 1.01
N VAL C 505 -5.43 -1.90 0.05
CA VAL C 505 -6.48 -2.62 -0.67
C VAL C 505 -5.91 -3.79 -1.45
N ALA C 506 -4.72 -3.65 -1.99
CA ALA C 506 -4.17 -4.68 -2.87
C ALA C 506 -3.15 -5.56 -2.18
N GLU C 507 -3.35 -5.88 -0.91
CA GLU C 507 -2.37 -6.70 -0.23
C GLU C 507 -2.83 -8.13 0.01
N GLU C 508 -4.13 -8.40 -0.09
CA GLU C 508 -4.63 -9.77 0.05
C GLU C 508 -5.57 -10.06 -1.11
N GLY C 509 -5.04 -10.61 -2.20
CA GLY C 509 -5.91 -11.05 -3.27
C GLY C 509 -5.48 -10.86 -4.72
N LEU C 510 -4.61 -9.90 -5.02
CA LEU C 510 -4.24 -9.67 -6.41
C LEU C 510 -3.60 -10.92 -6.99
N ASP C 511 -3.62 -11.02 -8.32
CA ASP C 511 -3.37 -12.28 -9.01
C ASP C 511 -2.35 -12.13 -10.14
N ILE C 512 -1.61 -11.02 -10.17
CA ILE C 512 -0.85 -10.72 -11.36
C ILE C 512 0.24 -11.76 -11.53
N LYS C 513 0.25 -12.42 -12.70
CA LYS C 513 1.15 -13.53 -12.93
C LYS C 513 2.61 -13.10 -12.88
N GLU C 514 2.90 -11.86 -13.25
CA GLU C 514 4.28 -11.36 -13.28
C GLU C 514 4.36 -10.07 -12.48
N CYS C 515 5.04 -10.14 -11.35
CA CYS C 515 5.45 -8.95 -10.60
C CYS C 515 6.81 -9.26 -10.01
N ASN C 516 7.86 -8.72 -10.61
CA ASN C 516 9.18 -9.01 -10.07
C ASN C 516 9.42 -8.37 -8.73
N ILE C 517 8.90 -7.17 -8.50
CA ILE C 517 9.50 -6.29 -7.52
C ILE C 517 8.41 -5.80 -6.58
N VAL C 518 8.55 -6.11 -5.30
CA VAL C 518 7.60 -5.59 -4.30
C VAL C 518 8.38 -4.78 -3.29
N ILE C 519 7.98 -3.52 -3.14
CA ILE C 519 8.68 -2.57 -2.28
C ILE C 519 7.71 -2.12 -1.20
N ARG C 520 8.21 -1.98 0.02
CA ARG C 520 7.40 -1.54 1.13
C ARG C 520 7.97 -0.22 1.63
N TYR C 521 7.09 0.77 1.84
CA TYR C 521 7.50 2.14 2.11
C TYR C 521 7.10 2.57 3.51
N GLY C 522 8.01 2.42 4.46
CA GLY C 522 7.81 3.02 5.77
C GLY C 522 6.52 2.58 6.42
N LEU C 523 6.29 1.28 6.37
CA LEU C 523 5.05 0.66 6.82
C LEU C 523 5.29 -0.13 8.08
N VAL C 524 4.39 -0.02 9.05
CA VAL C 524 4.45 -0.79 10.28
C VAL C 524 3.13 -1.52 10.44
N THR C 525 3.19 -2.83 10.66
CA THR C 525 1.97 -3.61 10.61
C THR C 525 2.17 -4.98 11.25
N ASN C 526 1.07 -5.67 11.49
CA ASN C 526 1.07 -6.98 12.11
C ASN C 526 1.61 -8.02 11.15
N GLU C 527 1.59 -9.29 11.57
CA GLU C 527 2.35 -10.28 10.82
C GLU C 527 1.60 -10.80 9.60
N ILE C 528 0.27 -10.78 9.60
CA ILE C 528 -0.43 -11.28 8.41
C ILE C 528 -0.32 -10.30 7.26
N ALA C 529 -0.41 -9.01 7.55
CA ALA C 529 -0.20 -8.02 6.50
C ALA C 529 1.26 -7.89 6.12
N MET C 530 2.13 -8.77 6.61
CA MET C 530 3.48 -8.92 6.11
C MET C 530 3.69 -10.28 5.47
N VAL C 531 2.94 -11.30 5.86
CA VAL C 531 3.02 -12.57 5.17
C VAL C 531 2.41 -12.45 3.79
N GLN C 532 1.32 -11.68 3.66
CA GLN C 532 0.67 -11.58 2.34
C GLN C 532 1.46 -10.68 1.40
N ALA C 533 1.97 -9.55 1.89
CA ALA C 533 2.59 -8.58 1.00
C ALA C 533 3.82 -9.13 0.32
N ARG C 534 4.62 -9.95 1.01
CA ARG C 534 5.63 -10.72 0.30
C ARG C 534 4.97 -11.57 -0.76
N GLY C 535 3.81 -12.11 -0.46
CA GLY C 535 3.15 -13.00 -1.40
C GLY C 535 2.88 -12.35 -2.73
N ARG C 536 2.34 -11.12 -2.72
CA ARG C 536 1.91 -10.51 -3.97
C ARG C 536 2.99 -10.53 -5.04
N ALA C 537 4.24 -10.76 -4.66
CA ALA C 537 5.34 -10.80 -5.63
C ALA C 537 5.42 -12.21 -6.22
N ARG C 538 4.37 -12.58 -6.93
CA ARG C 538 4.22 -13.96 -7.37
C ARG C 538 5.00 -14.22 -8.64
N ALA C 539 6.29 -13.88 -8.64
CA ALA C 539 7.10 -14.03 -9.82
C ALA C 539 8.43 -14.66 -9.44
N ASP C 540 9.11 -15.21 -10.44
CA ASP C 540 10.46 -15.71 -10.25
C ASP C 540 11.43 -14.55 -10.05
N GLU C 541 12.60 -14.89 -9.51
CA GLU C 541 13.64 -13.92 -9.14
C GLU C 541 13.05 -12.66 -8.51
N SER C 542 12.07 -12.86 -7.64
CA SER C 542 11.41 -11.75 -6.98
C SER C 542 12.34 -11.09 -5.99
N THR C 543 12.06 -9.83 -5.68
CA THR C 543 12.76 -9.13 -4.62
C THR C 543 11.76 -8.36 -3.78
N TYR C 544 11.82 -8.56 -2.46
CA TYR C 544 11.02 -7.82 -1.51
C TYR C 544 11.95 -6.85 -0.80
N VAL C 545 11.80 -5.57 -1.09
CA VAL C 545 12.73 -4.54 -0.61
C VAL C 545 12.01 -3.66 0.38
N LEU C 546 12.63 -3.44 1.52
CA LEU C 546 12.03 -2.65 2.60
C LEU C 546 12.76 -1.33 2.74
N VAL C 547 12.00 -0.24 2.85
CA VAL C 547 12.59 1.10 2.92
C VAL C 547 12.08 1.81 4.18
N ALA C 548 13.01 2.37 4.96
CA ALA C 548 12.66 3.13 6.15
C ALA C 548 13.91 3.82 6.68
N HIS C 549 13.70 4.88 7.45
CA HIS C 549 14.80 5.50 8.19
C HIS C 549 14.59 5.21 9.67
N SER C 550 15.70 4.89 10.36
CA SER C 550 15.65 4.26 11.67
C SER C 550 14.95 5.07 12.74
N GLY C 551 14.50 6.29 12.42
CA GLY C 551 13.90 7.14 13.43
C GLY C 551 12.69 6.51 14.09
N SER C 552 11.78 5.96 13.30
CA SER C 552 10.61 5.28 13.83
C SER C 552 10.83 3.77 13.80
N GLY C 553 10.10 3.06 14.65
CA GLY C 553 10.41 1.68 14.89
C GLY C 553 9.98 0.77 13.76
N VAL C 554 10.69 0.81 12.64
CA VAL C 554 10.30 -0.02 11.51
C VAL C 554 11.12 -1.31 11.46
N ILE C 555 12.44 -1.22 11.68
CA ILE C 555 13.27 -2.40 11.60
C ILE C 555 13.02 -3.34 12.78
N GLU C 556 12.86 -2.78 13.97
CA GLU C 556 12.53 -3.63 15.12
C GLU C 556 11.19 -4.32 14.91
N ARG C 557 10.24 -3.61 14.30
CA ARG C 557 8.98 -4.25 13.93
C ARG C 557 9.19 -5.36 12.92
N GLU C 558 10.09 -5.16 11.95
CA GLU C 558 10.38 -6.21 11.00
C GLU C 558 10.88 -7.47 11.71
N THR C 559 11.78 -7.29 12.68
CA THR C 559 12.32 -8.45 13.38
C THR C 559 11.25 -9.17 14.21
N VAL C 560 10.43 -8.41 14.94
CA VAL C 560 9.40 -9.08 15.73
C VAL C 560 8.39 -9.75 14.82
N ASN C 561 8.08 -9.17 13.67
CA ASN C 561 7.15 -9.81 12.74
C ASN C 561 7.72 -11.12 12.22
N ASP C 562 9.00 -11.14 11.87
CA ASP C 562 9.57 -12.40 11.38
C ASP C 562 9.54 -13.47 12.46
N PHE C 563 9.84 -13.08 13.71
CA PHE C 563 9.78 -14.06 14.78
C PHE C 563 8.35 -14.56 15.00
N ARG C 564 7.36 -13.67 14.84
CA ARG C 564 5.98 -14.11 14.97
C ARG C 564 5.59 -15.04 13.83
N GLU C 565 6.18 -14.86 12.65
CA GLU C 565 5.94 -15.80 11.56
C GLU C 565 6.42 -17.20 11.95
N LYS C 566 7.64 -17.27 12.50
CA LYS C 566 8.14 -18.57 12.95
C LYS C 566 7.22 -19.20 14.00
N MET C 567 6.79 -18.39 14.97
CA MET C 567 5.87 -18.88 15.99
C MET C 567 4.59 -19.42 15.38
N MET C 568 4.03 -18.71 14.43
CA MET C 568 2.75 -19.11 13.84
C MET C 568 2.86 -20.44 13.13
N TYR C 569 3.89 -20.61 12.29
CA TYR C 569 4.05 -21.90 11.63
C TYR C 569 4.20 -23.03 12.65
N LYS C 570 5.07 -22.84 13.64
CA LYS C 570 5.27 -23.94 14.58
C LYS C 570 3.98 -24.24 15.34
N ALA C 571 3.19 -23.21 15.62
CA ALA C 571 1.98 -23.42 16.40
C ALA C 571 0.94 -24.19 15.60
N ILE C 572 0.83 -23.92 14.30
CA ILE C 572 -0.03 -24.76 13.47
C ILE C 572 0.46 -26.20 13.53
N HIS C 573 1.78 -26.39 13.45
CA HIS C 573 2.29 -27.76 13.56
C HIS C 573 1.90 -28.38 14.89
N CYS C 574 1.79 -27.57 15.93
CA CYS C 574 1.39 -28.10 17.24
C CYS C 574 -0.05 -28.55 17.23
N VAL C 575 -0.97 -27.70 16.77
CA VAL C 575 -2.39 -28.04 16.84
C VAL C 575 -2.70 -29.16 15.85
N GLN C 576 -1.86 -29.34 14.84
CA GLN C 576 -2.08 -30.40 13.87
C GLN C 576 -2.20 -31.76 14.53
N ASN C 577 -1.56 -31.95 15.68
CA ASN C 577 -1.37 -33.29 16.24
C ASN C 577 -1.93 -33.44 17.65
N MET C 578 -3.16 -32.99 17.90
CA MET C 578 -3.79 -33.32 19.16
C MET C 578 -4.57 -34.62 19.06
N LYS C 579 -4.92 -35.16 20.21
CA LYS C 579 -5.75 -36.36 20.26
C LYS C 579 -7.21 -36.00 20.04
N PRO C 580 -7.95 -36.71 19.19
CA PRO C 580 -9.27 -36.22 18.77
C PRO C 580 -10.25 -35.95 19.91
N GLU C 581 -10.23 -36.74 20.99
CA GLU C 581 -11.10 -36.44 22.13
C GLU C 581 -10.87 -35.03 22.63
N GLU C 582 -9.60 -34.69 22.87
CA GLU C 582 -9.26 -33.36 23.37
C GLU C 582 -9.68 -32.30 22.38
N TYR C 583 -9.46 -32.53 21.09
CA TYR C 583 -9.85 -31.54 20.09
C TYR C 583 -11.34 -31.28 20.13
N ALA C 584 -12.13 -32.35 20.13
CA ALA C 584 -13.58 -32.18 20.12
C ALA C 584 -14.06 -31.45 21.36
N HIS C 585 -13.55 -31.82 22.53
CA HIS C 585 -14.06 -31.21 23.75
C HIS C 585 -13.62 -29.76 23.88
N LYS C 586 -12.36 -29.46 23.54
CA LYS C 586 -11.90 -28.08 23.59
C LYS C 586 -12.71 -27.23 22.62
N ILE C 587 -12.99 -27.75 21.43
CA ILE C 587 -13.80 -26.98 20.49
C ILE C 587 -15.18 -26.73 21.05
N LEU C 588 -15.81 -27.73 21.66
CA LEU C 588 -17.15 -27.51 22.20
C LEU C 588 -17.14 -26.41 23.26
N GLU C 589 -16.16 -26.45 24.15
CA GLU C 589 -16.07 -25.40 25.16
C GLU C 589 -15.85 -24.04 24.52
N LEU C 590 -15.00 -23.98 23.50
CA LEU C 590 -14.74 -22.71 22.85
C LEU C 590 -15.99 -22.18 22.18
N GLN C 591 -16.79 -23.05 21.55
CA GLN C 591 -18.04 -22.62 20.96
C GLN C 591 -18.93 -21.98 22.00
N MET C 592 -19.05 -22.62 23.15
CA MET C 592 -19.91 -22.06 24.18
C MET C 592 -19.43 -20.67 24.60
N GLN C 593 -18.11 -20.49 24.65
CA GLN C 593 -17.56 -19.26 25.19
C GLN C 593 -18.00 -18.04 24.39
N SER C 594 -17.92 -18.12 23.05
CA SER C 594 -18.23 -16.96 22.23
C SER C 594 -19.68 -16.54 22.40
N ILE C 595 -20.58 -17.52 22.46
CA ILE C 595 -22.00 -17.21 22.60
C ILE C 595 -22.26 -16.54 23.93
N MET C 596 -21.69 -17.07 25.01
CA MET C 596 -21.95 -16.46 26.31
C MET C 596 -21.39 -15.05 26.37
N GLU C 597 -20.20 -14.82 25.83
CA GLU C 597 -19.64 -13.48 25.87
C GLU C 597 -20.44 -12.52 25.00
N LYS C 598 -21.00 -13.00 23.89
CA LYS C 598 -21.89 -12.16 23.11
C LYS C 598 -23.13 -11.78 23.90
N LYS C 599 -23.68 -12.72 24.66
CA LYS C 599 -24.82 -12.37 25.50
C LYS C 599 -24.45 -11.28 26.50
N MET C 600 -23.25 -11.40 27.09
CA MET C 600 -22.79 -10.39 28.05
C MET C 600 -22.64 -9.02 27.40
N LYS C 601 -21.95 -8.98 26.26
CA LYS C 601 -21.80 -7.69 25.58
C LYS C 601 -23.14 -7.11 25.18
N THR C 602 -24.09 -7.96 24.77
CA THR C 602 -25.39 -7.45 24.34
C THR C 602 -26.17 -6.85 25.50
N LYS C 603 -26.12 -7.49 26.67
CA LYS C 603 -26.80 -6.89 27.82
C LYS C 603 -26.15 -5.57 28.20
N ARG C 604 -24.81 -5.50 28.18
CA ARG C 604 -24.17 -4.22 28.44
C ARG C 604 -24.59 -3.18 27.41
N ASN C 605 -24.75 -3.59 26.16
CA ASN C 605 -25.11 -2.66 25.11
C ASN C 605 -26.52 -2.10 25.32
N ILE C 606 -27.48 -2.96 25.65
CA ILE C 606 -28.84 -2.47 25.86
C ILE C 606 -28.89 -1.62 27.12
N ALA C 607 -27.94 -1.81 28.03
CA ALA C 607 -27.80 -0.86 29.14
C ALA C 607 -27.25 0.48 28.67
N LYS C 608 -26.31 0.46 27.72
CA LYS C 608 -25.60 1.68 27.36
C LYS C 608 -26.44 2.64 26.54
N HIS C 609 -27.43 2.13 25.78
CA HIS C 609 -28.23 3.01 24.94
C HIS C 609 -28.99 4.05 25.76
N TYR C 610 -29.23 3.80 27.05
CA TYR C 610 -29.90 4.76 27.89
C TYR C 610 -28.94 5.37 28.90
N ASN C 612 -34.54 10.37 27.54
CA ASN C 612 -33.99 10.96 26.33
C ASN C 612 -34.84 12.10 25.81
N ASN C 613 -35.05 13.11 26.64
CA ASN C 613 -35.79 14.28 26.20
C ASN C 613 -35.03 14.97 25.06
N PRO C 614 -35.65 15.13 23.90
CA PRO C 614 -34.97 15.81 22.80
C PRO C 614 -34.85 17.30 23.03
N SER C 615 -35.66 17.83 23.95
CA SER C 615 -35.75 19.27 24.18
C SER C 615 -34.85 19.76 25.31
N LEU C 616 -34.05 18.88 25.92
CA LEU C 616 -33.31 19.28 27.11
C LEU C 616 -32.11 20.16 26.77
N ILE C 617 -31.42 19.87 25.67
CA ILE C 617 -30.09 20.38 25.46
C ILE C 617 -30.11 21.62 24.57
N THR C 618 -28.99 22.34 24.53
CA THR C 618 -28.84 23.48 23.64
C THR C 618 -27.47 23.45 23.00
N PHE C 619 -27.39 23.80 21.72
CA PHE C 619 -26.14 23.78 20.98
C PHE C 619 -25.52 25.16 20.94
N LEU C 620 -24.21 25.21 21.16
CA LEU C 620 -23.46 26.46 21.19
C LEU C 620 -22.33 26.38 20.18
N CYS C 621 -21.93 27.55 19.65
CA CYS C 621 -20.81 27.56 18.74
C CYS C 621 -19.54 27.18 19.48
N LYS C 622 -18.52 26.79 18.73
CA LYS C 622 -17.37 26.11 19.27
C LYS C 622 -16.11 26.96 19.21
N ASN C 623 -16.02 27.88 18.25
CA ASN C 623 -14.94 28.86 18.29
C ASN C 623 -15.38 30.14 19.00
N CYS C 624 -16.61 30.60 18.78
CA CYS C 624 -17.24 31.50 19.72
C CYS C 624 -18.05 30.65 20.70
N SER C 625 -18.90 31.26 21.51
CA SER C 625 -19.82 30.50 22.33
C SER C 625 -21.21 31.13 22.25
N VAL C 626 -21.54 31.69 21.10
CA VAL C 626 -22.83 32.35 20.90
C VAL C 626 -23.90 31.30 20.66
N LEU C 627 -24.97 31.34 21.46
CA LEU C 627 -26.01 30.31 21.39
C LEU C 627 -26.60 30.22 20.00
N ALA C 628 -26.72 28.99 19.49
CA ALA C 628 -27.19 28.75 18.14
C ALA C 628 -28.65 28.33 18.10
N CYS C 629 -29.00 27.25 18.77
CA CYS C 629 -30.37 26.76 18.77
C CYS C 629 -30.53 25.73 19.87
N SER C 630 -31.74 25.24 20.02
CA SER C 630 -32.08 24.22 21.01
C SER C 630 -32.45 22.93 20.30
N GLY C 631 -32.67 21.90 21.11
CA GLY C 631 -32.88 20.57 20.55
C GLY C 631 -34.11 20.47 19.67
N GLU C 632 -35.22 21.08 20.10
CA GLU C 632 -36.48 20.92 19.39
C GLU C 632 -36.36 21.33 17.93
N ASP C 633 -35.46 22.27 17.61
CA ASP C 633 -35.35 22.76 16.24
C ASP C 633 -34.75 21.71 15.30
N ILE C 634 -34.26 20.62 15.83
CA ILE C 634 -33.57 19.62 15.03
C ILE C 634 -34.56 18.56 14.57
N HIS C 635 -34.38 18.08 13.33
CA HIS C 635 -35.12 16.94 12.80
C HIS C 635 -34.15 16.06 12.02
N VAL C 636 -34.63 14.90 11.60
CA VAL C 636 -33.84 13.97 10.82
C VAL C 636 -34.57 13.63 9.54
N ILE C 637 -33.82 13.49 8.46
CA ILE C 637 -34.33 12.95 7.21
C ILE C 637 -33.90 11.49 7.14
N GLU C 638 -34.89 10.61 7.11
CA GLU C 638 -34.71 9.17 6.93
C GLU C 638 -33.70 8.59 7.92
N LYS C 639 -33.83 8.99 9.18
CA LYS C 639 -32.97 8.52 10.27
C LYS C 639 -31.49 8.74 9.97
N MET C 640 -31.16 9.53 8.94
CA MET C 640 -29.76 9.67 8.56
C MET C 640 -29.23 11.10 8.58
N HIS C 641 -29.93 12.07 8.01
CA HIS C 641 -29.37 13.41 7.91
C HIS C 641 -30.02 14.34 8.93
N HIS C 642 -29.23 14.85 9.86
CA HIS C 642 -29.76 15.80 10.84
C HIS C 642 -29.81 17.19 10.22
N VAL C 643 -30.96 17.85 10.34
CA VAL C 643 -31.25 19.08 9.60
C VAL C 643 -32.14 19.98 10.44
N ASN C 644 -32.18 21.27 10.07
CA ASN C 644 -33.07 22.22 10.71
C ASN C 644 -33.83 23.03 9.68
N MET C 645 -35.08 23.36 10.00
CA MET C 645 -36.03 24.04 9.15
C MET C 645 -36.33 25.47 9.60
N THR C 646 -35.82 25.86 10.75
CA THR C 646 -36.28 27.05 11.45
C THR C 646 -35.86 28.33 10.73
N PRO C 647 -36.73 29.39 10.71
CA PRO C 647 -36.39 30.63 10.00
C PRO C 647 -35.36 31.53 10.69
N GLU C 648 -35.47 31.79 11.99
CA GLU C 648 -34.44 32.62 12.61
C GLU C 648 -33.11 31.89 12.64
N PHE C 649 -33.13 30.59 12.90
CA PHE C 649 -31.92 29.82 12.73
C PHE C 649 -31.41 29.91 11.31
N LYS C 650 -32.29 30.24 10.36
CA LYS C 650 -31.82 30.51 9.00
C LYS C 650 -31.18 31.88 8.87
N GLU C 651 -31.65 32.88 9.62
CA GLU C 651 -31.01 34.18 9.48
C GLU C 651 -29.65 34.21 10.19
N LEU C 652 -29.40 33.30 11.12
CA LEU C 652 -28.13 33.37 11.87
C LEU C 652 -26.92 33.09 10.98
N TYR C 653 -26.99 32.09 10.11
CA TYR C 653 -25.79 31.64 9.39
C TYR C 653 -25.61 32.34 8.04
N ILE C 654 -24.42 32.17 7.46
CA ILE C 654 -24.10 32.76 6.16
C ILE C 654 -23.66 31.66 5.21
N VAL C 655 -24.31 31.56 4.05
CA VAL C 655 -23.84 30.66 3.01
C VAL C 655 -22.50 31.17 2.50
N ARG C 656 -21.73 30.27 1.87
CA ARG C 656 -20.53 30.69 1.17
C ARG C 656 -20.25 29.74 0.02
N GLU C 657 -20.19 30.28 -1.19
CA GLU C 657 -19.80 29.53 -2.37
C GLU C 657 -18.49 30.10 -2.89
N LYS C 658 -17.62 29.22 -3.37
CA LYS C 658 -16.35 29.64 -3.95
C LYS C 658 -16.30 29.32 -5.44
N GLN C 669 -21.84 27.05 -6.99
CA GLN C 669 -21.61 25.72 -6.44
C GLN C 669 -22.92 25.02 -6.09
N ILE C 670 -22.93 23.71 -6.28
CA ILE C 670 -24.13 22.91 -6.05
C ILE C 670 -24.55 22.99 -4.58
N ASN C 671 -23.60 22.78 -3.68
CA ASN C 671 -23.89 22.68 -2.25
C ASN C 671 -23.04 23.69 -1.50
N GLY C 672 -23.69 24.60 -0.77
CA GLY C 672 -23.00 25.69 -0.12
C GLY C 672 -22.64 25.37 1.33
N GLU C 673 -21.46 25.83 1.74
CA GLU C 673 -20.96 25.62 3.08
C GLU C 673 -21.45 26.74 3.99
N ILE C 674 -21.94 26.37 5.17
CA ILE C 674 -22.40 27.34 6.15
C ILE C 674 -21.21 27.91 6.92
N ILE C 675 -21.31 29.17 7.32
CA ILE C 675 -20.30 29.82 8.15
C ILE C 675 -21.01 30.60 9.26
N CYS C 676 -20.45 30.53 10.46
CA CYS C 676 -20.86 31.37 11.60
C CYS C 676 -20.29 32.77 11.42
N LYS C 677 -20.38 33.57 12.48
CA LYS C 677 -19.63 34.81 12.48
C LYS C 677 -18.14 34.52 12.61
N CYS C 678 -17.80 33.45 13.32
CA CYS C 678 -16.43 33.11 13.65
C CYS C 678 -15.58 32.75 12.43
N GLY C 679 -16.20 32.29 11.35
CA GLY C 679 -15.49 31.68 10.25
C GLY C 679 -15.44 30.18 10.30
N GLN C 680 -15.72 29.58 11.46
CA GLN C 680 -15.83 28.14 11.56
C GLN C 680 -17.04 27.65 10.77
N ALA C 681 -16.95 26.43 10.26
CA ALA C 681 -18.03 25.84 9.47
C ALA C 681 -18.98 25.03 10.36
N TRP C 682 -20.26 25.09 10.02
CA TRP C 682 -21.31 24.35 10.73
C TRP C 682 -21.84 23.18 9.94
N GLY C 683 -22.00 23.32 8.64
CA GLY C 683 -22.63 22.28 7.85
C GLY C 683 -22.73 22.69 6.40
N THR C 684 -23.68 22.08 5.70
CA THR C 684 -23.83 22.32 4.27
C THR C 684 -25.32 22.39 3.94
N MET C 685 -25.62 23.07 2.83
CA MET C 685 -26.97 23.09 2.30
C MET C 685 -27.25 21.78 1.56
N MET C 686 -28.39 21.17 1.85
CA MET C 686 -28.82 19.94 1.17
C MET C 686 -30.29 20.05 0.84
N VAL C 687 -30.67 19.69 -0.39
CA VAL C 687 -32.02 19.93 -0.90
C VAL C 687 -32.78 18.62 -0.88
N HIS C 688 -33.92 18.61 -0.20
CA HIS C 688 -34.75 17.43 0.01
C HIS C 688 -36.17 17.67 -0.46
N LYS C 689 -36.64 16.85 -1.40
CA LYS C 689 -38.05 16.79 -1.79
C LYS C 689 -38.63 18.17 -2.05
N GLY C 690 -37.85 19.03 -2.68
CA GLY C 690 -38.29 20.36 -3.03
C GLY C 690 -38.12 21.41 -1.96
N LEU C 691 -37.72 21.05 -0.75
CA LEU C 691 -37.40 22.01 0.29
C LEU C 691 -35.94 22.39 0.17
N ASP C 692 -35.63 23.66 0.34
CA ASP C 692 -34.23 24.03 0.48
C ASP C 692 -33.90 24.17 1.97
N LEU C 693 -32.84 23.50 2.41
CA LEU C 693 -32.66 23.27 3.84
C LEU C 693 -31.20 22.99 4.19
N PRO C 694 -30.65 23.65 5.20
CA PRO C 694 -29.28 23.36 5.63
C PRO C 694 -29.20 22.41 6.82
N CYS C 695 -28.12 21.63 6.88
CA CYS C 695 -27.97 20.63 7.93
C CYS C 695 -27.05 21.15 9.01
N LEU C 696 -26.72 20.25 9.95
CA LEU C 696 -25.74 20.54 10.99
C LEU C 696 -24.90 19.30 11.27
N LYS C 697 -23.64 19.53 11.60
CA LYS C 697 -22.74 18.46 12.02
C LYS C 697 -22.35 18.70 13.46
N ILE C 698 -22.44 17.66 14.28
CA ILE C 698 -22.26 17.86 15.71
C ILE C 698 -20.80 18.10 16.06
N ARG C 699 -19.87 17.65 15.20
CA ARG C 699 -18.45 17.83 15.51
C ARG C 699 -18.09 19.30 15.62
N ASN C 700 -18.92 20.18 15.07
CA ASN C 700 -18.63 21.60 15.02
C ASN C 700 -19.29 22.39 16.13
N PHE C 701 -19.98 21.75 17.05
CA PHE C 701 -20.75 22.45 18.06
C PHE C 701 -20.27 22.04 19.44
N VAL C 702 -20.94 22.57 20.46
CA VAL C 702 -20.77 22.13 21.84
C VAL C 702 -22.16 21.97 22.44
N VAL C 703 -22.35 20.93 23.25
CA VAL C 703 -23.64 20.68 23.88
C VAL C 703 -23.62 21.24 25.29
N VAL C 704 -24.65 22.01 25.63
CA VAL C 704 -24.85 22.50 27.00
C VAL C 704 -26.16 21.93 27.50
N PHE C 705 -26.07 21.22 28.62
CA PHE C 705 -27.21 20.62 29.27
C PHE C 705 -27.94 21.66 30.11
N LYS C 706 -29.01 21.21 30.78
CA LYS C 706 -29.69 22.02 31.78
C LYS C 706 -29.71 21.36 33.15
N ASN C 707 -29.18 20.14 33.25
CA ASN C 707 -29.02 19.51 34.55
C ASN C 707 -27.67 19.88 35.17
N ASN C 708 -26.58 19.54 34.48
CA ASN C 708 -25.24 19.87 34.93
C ASN C 708 -24.60 20.76 33.86
N SER C 709 -24.39 22.03 34.20
CA SER C 709 -23.95 23.02 33.22
C SER C 709 -22.45 22.85 32.95
N THR C 710 -22.12 21.74 32.32
CA THR C 710 -20.78 21.48 31.79
C THR C 710 -20.80 21.70 30.29
N LYS C 711 -19.69 21.37 29.64
CA LYS C 711 -19.56 21.53 28.20
C LYS C 711 -18.92 20.27 27.63
N LYS C 712 -19.63 19.62 26.70
CA LYS C 712 -19.22 18.34 26.12
C LYS C 712 -19.19 18.44 24.60
N GLN C 713 -18.32 17.65 23.98
CA GLN C 713 -18.26 17.52 22.53
C GLN C 713 -18.44 16.06 22.17
N TYR C 714 -19.17 15.81 21.09
CA TYR C 714 -19.37 14.47 20.56
C TYR C 714 -18.78 14.41 19.16
N LYS C 715 -18.19 13.27 18.83
CA LYS C 715 -17.54 13.15 17.53
C LYS C 715 -18.55 12.84 16.44
N LYS C 716 -19.46 11.90 16.70
CA LYS C 716 -20.45 11.46 15.71
C LYS C 716 -21.80 11.32 16.38
N TRP C 717 -22.87 11.56 15.60
CA TRP C 717 -24.19 11.78 16.18
C TRP C 717 -24.69 10.59 16.99
N VAL C 718 -24.15 9.40 16.77
CA VAL C 718 -24.70 8.26 17.48
C VAL C 718 -24.21 8.23 18.92
N GLU C 719 -23.18 9.01 19.23
CA GLU C 719 -22.70 9.08 20.61
C GLU C 719 -23.74 9.72 21.52
N LEU C 720 -24.36 10.80 21.05
CA LEU C 720 -25.28 11.55 21.89
C LEU C 720 -26.49 10.70 22.24
N PRO C 721 -26.84 10.60 23.52
CA PRO C 721 -27.97 9.74 23.91
C PRO C 721 -29.32 10.24 23.44
N ILE C 722 -29.39 11.21 22.53
CA ILE C 722 -30.67 11.83 22.21
C ILE C 722 -31.25 11.24 20.92
N THR C 723 -32.58 11.13 20.88
CA THR C 723 -33.32 10.60 19.74
C THR C 723 -34.13 11.71 19.10
N PHE C 724 -33.95 11.90 17.82
CA PHE C 724 -34.63 13.04 17.22
C PHE C 724 -35.79 12.61 16.32
N PRO C 725 -36.84 13.42 16.24
CA PRO C 725 -37.96 13.07 15.37
C PRO C 725 -37.69 13.44 13.92
N ASN C 726 -38.53 12.90 13.04
CA ASN C 726 -38.28 12.99 11.61
C ASN C 726 -38.97 14.19 10.96
N LEU C 727 -38.42 14.60 9.82
CA LEU C 727 -38.87 15.78 9.09
C LEU C 727 -40.09 15.48 8.24
N ASP C 728 -41.66 16.33 10.74
CA ASP C 728 -42.91 16.33 9.98
C ASP C 728 -42.75 17.14 8.70
N TYR C 729 -43.00 16.51 7.55
CA TYR C 729 -42.92 17.24 6.29
C TYR C 729 -44.20 18.00 5.97
N SER C 730 -45.28 17.78 6.73
CA SER C 730 -46.58 18.33 6.35
C SER C 730 -46.52 19.83 6.09
N GLU C 731 -45.69 20.55 6.83
CA GLU C 731 -45.50 21.98 6.61
C GLU C 731 -44.66 22.23 5.36
N PRO D 10 52.16 -10.49 -9.19
CA PRO D 10 53.19 -10.53 -10.24
C PRO D 10 52.57 -10.47 -11.64
N LEU D 11 51.39 -11.06 -11.79
CA LEU D 11 50.72 -11.06 -13.09
C LEU D 11 50.37 -9.65 -13.52
N ARG D 12 49.84 -8.84 -12.61
CA ARG D 12 49.54 -7.45 -12.93
C ARG D 12 50.81 -6.68 -13.25
N ARG D 13 51.90 -6.98 -12.54
CA ARG D 13 53.18 -6.35 -12.86
C ARG D 13 53.62 -6.68 -14.27
N LYS D 14 53.47 -7.95 -14.67
CA LYS D 14 53.81 -8.33 -16.04
C LYS D 14 52.87 -7.68 -17.05
N LEU D 15 51.63 -7.40 -16.62
CA LEU D 15 50.72 -6.69 -17.50
C LEU D 15 51.12 -5.23 -17.67
N TRP D 16 51.70 -4.63 -16.64
CA TRP D 16 51.83 -3.17 -16.60
C TRP D 16 52.82 -2.60 -17.61
N GLN D 17 53.64 -3.40 -18.27
CA GLN D 17 54.45 -2.87 -19.35
C GLN D 17 53.68 -2.74 -20.65
N ASN D 18 52.40 -3.11 -20.64
CA ASN D 18 51.48 -2.80 -21.74
C ASN D 18 50.35 -1.89 -21.27
N TYR D 19 50.55 -1.23 -20.13
CA TYR D 19 49.60 -0.23 -19.64
C TYR D 19 49.55 0.97 -20.57
N ARG D 20 48.36 1.54 -20.71
CA ARG D 20 48.15 2.69 -21.58
C ARG D 20 47.27 3.72 -20.86
N ASN D 21 47.67 4.99 -20.92
CA ASN D 21 46.90 6.06 -20.31
C ASN D 21 45.76 6.49 -21.22
N LEU D 22 44.63 6.87 -20.61
CA LEU D 22 43.41 7.17 -21.34
C LEU D 22 42.82 8.47 -20.83
N THR D 23 42.02 9.12 -21.68
CA THR D 23 41.29 10.31 -21.29
C THR D 23 39.98 10.39 -22.05
N PHE D 24 39.03 11.10 -21.48
CA PHE D 24 37.68 11.17 -22.01
C PHE D 24 37.62 12.12 -23.21
N ASP D 25 36.42 12.25 -23.76
CA ASP D 25 36.13 13.22 -24.82
C ASP D 25 34.95 14.07 -24.37
N PRO D 26 35.11 15.39 -24.25
CA PRO D 26 33.99 16.22 -23.81
C PRO D 26 32.79 16.17 -24.72
N VAL D 27 33.01 15.98 -26.03
CA VAL D 27 31.89 15.95 -26.98
C VAL D 27 30.98 14.77 -26.69
N SER D 28 31.57 13.59 -26.46
CA SER D 28 30.80 12.37 -26.29
C SER D 28 30.13 12.26 -24.93
N ALA D 29 30.42 13.16 -23.99
CA ALA D 29 29.81 13.10 -22.67
C ALA D 29 28.31 13.36 -22.76
N ASN D 30 27.55 12.65 -21.94
CA ASN D 30 26.10 12.80 -21.92
C ASN D 30 25.71 14.00 -21.07
N ARG D 31 24.43 14.36 -21.16
CA ARG D 31 23.95 15.61 -20.57
C ARG D 31 24.26 15.67 -19.07
N HIS D 32 23.67 14.78 -18.30
CA HIS D 32 23.71 14.91 -16.84
C HIS D 32 25.06 14.52 -16.26
N PHE D 33 25.99 14.03 -17.07
CA PHE D 33 27.28 13.60 -16.57
C PHE D 33 28.21 14.79 -16.36
N TYR D 34 29.38 14.50 -15.78
CA TYR D 34 30.34 15.52 -15.43
C TYR D 34 31.74 14.93 -15.48
N LEU D 35 32.66 15.71 -16.04
CA LEU D 35 34.06 15.32 -16.24
C LEU D 35 34.94 16.12 -15.29
N SER D 36 36.01 15.49 -14.80
CA SER D 36 36.82 16.13 -13.78
C SER D 36 38.19 15.46 -13.69
N ARG D 37 39.06 16.07 -12.88
CA ARG D 37 40.41 15.59 -12.60
C ARG D 37 41.20 15.45 -13.90
N GLN D 38 41.46 16.58 -14.54
CA GLN D 38 42.18 16.65 -15.81
C GLN D 38 41.58 15.65 -16.81
N ASP D 39 40.25 15.59 -16.82
CA ASP D 39 39.50 14.70 -17.70
C ASP D 39 39.84 13.23 -17.44
N GLN D 40 39.99 12.85 -16.18
CA GLN D 40 40.33 11.47 -15.82
C GLN D 40 39.36 10.85 -14.83
N GLN D 41 38.29 11.54 -14.47
CA GLN D 41 37.30 10.98 -13.57
C GLN D 41 35.92 11.48 -13.98
N VAL D 42 34.92 10.63 -13.83
CA VAL D 42 33.60 10.93 -14.35
C VAL D 42 32.56 10.65 -13.28
N LYS D 43 31.60 11.56 -13.15
CA LYS D 43 30.55 11.47 -12.16
C LYS D 43 29.23 11.78 -12.86
N HIS D 44 28.13 11.33 -12.28
CA HIS D 44 26.82 11.56 -12.88
C HIS D 44 25.87 12.14 -11.85
N LEU D 45 25.23 13.25 -12.19
CA LEU D 45 24.42 14.05 -11.28
C LEU D 45 22.97 14.08 -11.72
N ARG D 46 22.10 14.50 -10.82
CA ARG D 46 20.67 14.56 -11.12
C ARG D 46 20.35 15.76 -12.01
N GLN D 47 20.92 16.91 -11.72
CA GLN D 47 20.57 18.13 -12.43
C GLN D 47 21.32 18.24 -13.75
N SER D 48 20.61 18.65 -14.80
CA SER D 48 21.19 18.66 -16.14
C SER D 48 22.31 19.68 -16.25
N ARG D 49 23.33 19.33 -17.03
CA ARG D 49 24.39 20.26 -17.37
C ARG D 49 24.15 20.87 -18.74
N GLY D 50 23.04 21.60 -18.90
CA GLY D 50 22.70 22.22 -20.15
C GLY D 50 22.14 21.23 -21.16
N PRO D 51 21.78 21.72 -22.34
CA PRO D 51 21.32 20.81 -23.40
C PRO D 51 22.45 19.92 -23.88
N GLY D 52 22.08 18.73 -24.36
CA GLY D 52 23.07 17.80 -24.85
C GLY D 52 23.76 18.29 -26.11
N GLY D 53 23.00 18.46 -27.19
CA GLY D 53 23.54 18.86 -28.46
C GLY D 53 24.11 17.69 -29.24
N PRO D 54 24.60 17.96 -30.44
CA PRO D 54 25.15 16.89 -31.27
C PRO D 54 26.46 16.35 -30.71
N GLY D 55 26.80 15.13 -31.12
CA GLY D 55 28.03 14.50 -30.71
C GLY D 55 27.99 13.83 -29.35
N SER D 56 26.82 13.75 -28.72
CA SER D 56 26.67 13.14 -27.41
C SER D 56 25.73 11.95 -27.50
N PHE D 57 26.13 10.84 -26.88
CA PHE D 57 25.31 9.64 -26.92
C PHE D 57 24.03 9.84 -26.13
N GLU D 58 22.90 9.57 -26.78
CA GLU D 58 21.61 9.69 -26.10
C GLU D 58 21.48 8.71 -24.95
N LEU D 59 21.93 7.48 -25.13
CA LEU D 59 21.94 6.55 -24.02
C LEU D 59 23.06 6.93 -23.06
N TRP D 60 23.03 6.33 -21.86
CA TRP D 60 23.89 6.78 -20.77
C TRP D 60 25.28 6.15 -20.92
N GLN D 61 26.07 6.72 -21.82
CA GLN D 61 27.44 6.28 -22.01
C GLN D 61 28.36 7.48 -22.21
N VAL D 62 29.64 7.23 -21.94
CA VAL D 62 30.71 8.18 -22.22
C VAL D 62 31.87 7.41 -22.81
N GLN D 63 32.56 8.01 -23.78
CA GLN D 63 33.68 7.37 -24.44
C GLN D 63 34.96 8.15 -24.18
N CYS D 64 36.08 7.45 -24.20
CA CYS D 64 37.38 8.08 -24.03
C CYS D 64 37.90 8.61 -25.35
N ALA D 65 38.81 9.58 -25.26
CA ALA D 65 39.38 10.19 -26.46
C ALA D 65 40.32 9.24 -27.18
N GLN D 66 40.95 8.31 -26.45
CA GLN D 66 41.90 7.41 -27.07
C GLN D 66 41.21 6.23 -27.74
N SER D 67 41.88 5.66 -28.73
CA SER D 67 41.45 4.42 -29.36
C SER D 67 42.68 3.72 -29.92
N PHE D 68 42.53 2.43 -30.20
CA PHE D 68 43.68 1.56 -30.47
C PHE D 68 43.58 0.97 -31.87
N GLN D 69 44.55 1.30 -32.71
CA GLN D 69 44.66 0.72 -34.04
C GLN D 69 45.34 -0.64 -34.00
N HIS D 72 50.25 -5.47 -26.96
CA HIS D 72 48.82 -5.23 -26.82
C HIS D 72 48.56 -4.12 -25.81
N HIS D 73 47.34 -4.02 -25.27
CA HIS D 73 47.03 -2.90 -24.40
C HIS D 73 46.28 -3.37 -23.17
N TYR D 74 46.46 -2.65 -22.06
CA TYR D 74 45.88 -3.01 -20.77
C TYR D 74 45.71 -1.78 -19.90
N TRP D 75 44.70 -1.81 -19.03
CA TRP D 75 44.50 -0.70 -18.10
C TRP D 75 43.58 -1.08 -16.95
N GLU D 76 43.45 -0.14 -16.00
CA GLU D 76 42.69 -0.30 -14.77
C GLU D 76 41.61 0.77 -14.70
N VAL D 77 40.45 0.41 -14.18
CA VAL D 77 39.37 1.35 -13.90
CA VAL D 77 39.37 1.35 -13.90
C VAL D 77 38.82 1.08 -12.50
N ARG D 78 38.74 2.13 -11.69
CA ARG D 78 38.14 2.03 -10.36
C ARG D 78 36.70 2.50 -10.42
N ALA D 79 35.83 1.79 -9.73
CA ALA D 79 34.41 2.08 -9.76
C ALA D 79 33.91 2.34 -8.34
N SER D 80 33.11 3.39 -8.18
CA SER D 80 32.61 3.73 -6.87
C SER D 80 31.73 2.64 -6.30
N ASP D 81 30.86 2.06 -7.12
CA ASP D 81 29.91 1.07 -6.65
C ASP D 81 29.50 0.18 -7.81
N HIS D 82 28.54 -0.71 -7.56
CA HIS D 82 28.10 -1.67 -8.55
C HIS D 82 27.13 -1.01 -9.51
N SER D 83 26.48 -1.82 -10.35
CA SER D 83 25.56 -1.33 -11.38
C SER D 83 26.24 -0.34 -12.32
N VAL D 84 27.26 -0.84 -13.02
CA VAL D 84 28.00 0.00 -13.97
C VAL D 84 28.58 -0.91 -15.03
N THR D 85 28.85 -0.36 -16.23
CA THR D 85 29.26 -1.20 -17.34
C THR D 85 30.49 -0.62 -18.04
N LEU D 86 31.39 -1.50 -18.45
CA LEU D 86 32.63 -1.14 -19.12
C LEU D 86 32.79 -2.00 -20.37
N GLY D 87 33.18 -1.38 -21.48
CA GLY D 87 33.37 -2.18 -22.67
C GLY D 87 34.07 -1.42 -23.76
N VAL D 88 34.12 -2.04 -24.94
CA VAL D 88 34.81 -1.47 -26.09
C VAL D 88 34.00 -1.73 -27.35
N SER D 89 34.02 -0.77 -28.26
CA SER D 89 33.27 -0.90 -29.50
C SER D 89 34.10 -0.46 -30.70
N TYR D 90 33.58 -0.77 -31.88
CA TYR D 90 34.07 -0.20 -33.12
C TYR D 90 33.69 1.28 -33.18
N PRO D 91 34.34 2.06 -34.05
CA PRO D 91 33.98 3.48 -34.17
C PRO D 91 32.58 3.72 -34.70
N GLN D 92 31.89 2.69 -35.17
CA GLN D 92 30.55 2.85 -35.74
C GLN D 92 29.45 2.64 -34.72
N LEU D 93 29.72 2.94 -33.45
CA LEU D 93 28.70 2.77 -32.41
C LEU D 93 27.60 3.80 -32.58
N PRO D 94 26.33 3.38 -32.63
CA PRO D 94 25.24 4.35 -32.76
C PRO D 94 25.18 5.27 -31.55
N ARG D 95 24.84 6.54 -31.80
CA ARG D 95 24.74 7.53 -30.75
C ARG D 95 23.31 7.91 -30.41
N SER D 96 22.33 7.39 -31.14
CA SER D 96 20.92 7.69 -30.91
C SER D 96 20.28 6.58 -30.09
N ARG D 97 19.05 6.82 -29.67
CA ARG D 97 18.31 5.88 -28.86
C ARG D 97 17.02 5.49 -29.57
N LEU D 98 16.79 4.18 -29.69
CA LEU D 98 15.57 3.65 -30.29
C LEU D 98 14.84 2.67 -29.39
N GLY D 99 15.34 2.39 -28.19
CA GLY D 99 14.72 1.46 -27.29
C GLY D 99 14.53 2.02 -25.90
N PRO D 100 13.67 1.38 -25.10
CA PRO D 100 13.45 1.87 -23.74
C PRO D 100 14.69 1.78 -22.87
N HIS D 101 15.30 0.61 -22.77
CA HIS D 101 16.46 0.46 -21.91
C HIS D 101 17.59 1.35 -22.41
N THR D 102 18.41 1.83 -21.46
CA THR D 102 19.33 2.92 -21.71
C THR D 102 20.79 2.48 -21.76
N ASP D 103 21.06 1.27 -22.22
CA ASP D 103 22.43 0.83 -22.46
C ASP D 103 22.50 0.21 -23.84
N ASN D 104 23.56 0.51 -24.58
CA ASN D 104 23.67 0.06 -25.96
C ASN D 104 24.80 -0.93 -26.21
N ILE D 105 25.77 -1.05 -25.29
CA ILE D 105 26.91 -1.90 -25.53
C ILE D 105 26.45 -3.36 -25.51
N GLY D 106 26.89 -4.14 -26.50
CA GLY D 106 26.61 -5.55 -26.56
C GLY D 106 25.32 -5.92 -27.24
N ARG D 107 24.48 -4.95 -27.60
CA ARG D 107 23.21 -5.27 -28.23
C ARG D 107 23.41 -5.73 -29.67
N GLY D 108 24.35 -5.12 -30.38
CA GLY D 108 24.73 -5.58 -31.70
C GLY D 108 26.12 -6.18 -31.69
N PRO D 109 26.50 -6.82 -32.79
CA PRO D 109 27.85 -7.41 -32.84
C PRO D 109 28.97 -6.39 -32.77
N SER D 110 28.67 -5.12 -33.06
CA SER D 110 29.72 -4.13 -33.26
C SER D 110 30.46 -3.77 -31.98
N SER D 111 30.00 -4.22 -30.82
CA SER D 111 30.64 -3.90 -29.55
C SER D 111 30.78 -5.15 -28.69
N TRP D 112 31.42 -4.97 -27.54
CA TRP D 112 31.49 -6.01 -26.51
C TRP D 112 31.53 -5.32 -25.15
N GLY D 113 30.69 -5.76 -24.22
CA GLY D 113 30.60 -5.11 -22.94
C GLY D 113 30.59 -6.08 -21.77
N LEU D 114 30.90 -5.55 -20.59
CA LEU D 114 30.80 -6.28 -19.34
C LEU D 114 30.10 -5.39 -18.31
N CYS D 115 29.01 -5.89 -17.75
CA CYS D 115 28.22 -5.18 -16.77
C CYS D 115 28.39 -5.81 -15.39
N VAL D 116 28.68 -4.98 -14.39
CA VAL D 116 28.91 -5.41 -13.03
C VAL D 116 27.74 -4.92 -12.18
N GLN D 117 27.27 -5.78 -11.30
CA GLN D 117 26.16 -5.53 -10.39
C GLN D 117 26.47 -6.15 -9.04
N GLU D 118 25.53 -6.00 -8.11
CA GLU D 118 25.73 -6.59 -6.78
C GLU D 118 25.61 -8.11 -6.82
N ASP D 119 24.78 -8.65 -7.72
CA ASP D 119 24.51 -10.07 -7.70
C ASP D 119 25.48 -10.85 -8.58
N SER D 120 25.50 -10.55 -9.88
CA SER D 120 26.24 -11.37 -10.82
C SER D 120 26.68 -10.50 -12.00
N LEU D 121 27.62 -11.05 -12.78
CA LEU D 121 28.24 -10.37 -13.90
C LEU D 121 27.56 -10.78 -15.19
N GLN D 122 27.50 -9.85 -16.16
CA GLN D 122 26.92 -10.19 -17.45
CA GLN D 122 26.89 -10.15 -17.45
C GLN D 122 27.76 -9.58 -18.56
N ALA D 123 28.26 -10.44 -19.45
CA ALA D 123 29.13 -10.04 -20.56
C ALA D 123 28.35 -10.14 -21.86
N TRP D 124 28.08 -8.99 -22.47
CA TRP D 124 27.16 -8.90 -23.60
C TRP D 124 27.89 -8.75 -24.92
N HIS D 125 27.42 -9.47 -25.93
CA HIS D 125 27.78 -9.24 -27.32
C HIS D 125 26.70 -9.82 -28.23
N ASN D 126 26.43 -9.12 -29.33
CA ASN D 126 25.46 -9.55 -30.33
C ASN D 126 24.08 -9.81 -29.72
N GLY D 127 23.77 -9.09 -28.65
CA GLY D 127 22.50 -9.27 -27.99
C GLY D 127 22.37 -10.49 -27.11
N GLU D 128 23.49 -11.11 -26.73
CA GLU D 128 23.46 -12.28 -25.87
C GLU D 128 24.53 -12.17 -24.80
N ALA D 129 24.25 -12.80 -23.66
CA ALA D 129 25.16 -12.76 -22.52
C ALA D 129 24.85 -13.95 -21.61
N GLN D 130 25.80 -14.27 -20.74
CA GLN D 130 25.66 -15.36 -19.79
C GLN D 130 25.96 -14.85 -18.39
N ARG D 131 25.23 -15.39 -17.42
CA ARG D 131 25.47 -15.04 -16.03
C ARG D 131 26.82 -15.58 -15.57
N LEU D 132 27.55 -14.76 -14.82
CA LEU D 132 28.85 -15.15 -14.29
C LEU D 132 28.81 -14.84 -12.80
N PRO D 133 29.42 -15.66 -11.94
CA PRO D 133 29.32 -15.42 -10.50
C PRO D 133 29.85 -14.04 -10.11
N GLY D 134 29.17 -13.42 -9.14
CA GLY D 134 29.46 -12.05 -8.78
C GLY D 134 30.76 -11.91 -8.01
N VAL D 135 31.23 -10.66 -7.93
CA VAL D 135 32.48 -10.33 -7.27
C VAL D 135 32.23 -9.19 -6.29
N SER D 136 32.93 -9.22 -5.15
CA SER D 136 32.78 -8.17 -4.16
C SER D 136 33.57 -6.92 -4.55
N GLY D 137 34.73 -7.09 -5.18
CA GLY D 137 35.59 -5.95 -5.44
C GLY D 137 35.00 -4.99 -6.45
N ARG D 138 35.53 -3.76 -6.44
CA ARG D 138 35.08 -2.72 -7.36
C ARG D 138 36.12 -2.41 -8.43
N LEU D 139 37.41 -2.44 -8.08
CA LEU D 139 38.44 -2.15 -9.07
C LEU D 139 38.50 -3.26 -10.12
N LEU D 140 38.67 -2.87 -11.37
CA LEU D 140 38.66 -3.80 -12.48
C LEU D 140 39.84 -3.53 -13.41
N GLY D 141 40.28 -4.56 -14.12
CA GLY D 141 41.34 -4.44 -15.10
C GLY D 141 40.93 -5.11 -16.39
N MET D 142 41.45 -4.60 -17.50
CA MET D 142 41.03 -5.12 -18.79
C MET D 142 42.11 -4.96 -19.85
N ASP D 143 42.27 -6.02 -20.66
CA ASP D 143 43.36 -6.21 -21.62
C ASP D 143 42.80 -6.62 -22.97
N LEU D 144 43.51 -6.25 -24.03
CA LEU D 144 43.12 -6.67 -25.37
C LEU D 144 44.34 -6.76 -26.26
N ASP D 145 44.38 -7.82 -27.08
CA ASP D 145 45.40 -8.03 -28.10
C ASP D 145 44.72 -8.15 -29.45
N LEU D 146 45.00 -7.18 -30.34
CA LEU D 146 44.43 -7.24 -31.69
C LEU D 146 45.10 -8.32 -32.52
N ALA D 147 46.40 -8.57 -32.31
CA ALA D 147 47.10 -9.58 -33.09
C ALA D 147 46.48 -10.96 -32.89
N SER D 148 46.23 -11.33 -31.64
CA SER D 148 45.49 -12.56 -31.37
C SER D 148 43.99 -12.35 -31.44
N GLY D 149 43.53 -11.10 -31.47
CA GLY D 149 42.10 -10.82 -31.52
C GLY D 149 41.34 -11.29 -30.29
N CYS D 150 41.86 -11.02 -29.10
CA CYS D 150 41.22 -11.48 -27.87
C CYS D 150 41.10 -10.33 -26.89
N LEU D 151 40.04 -10.38 -26.09
CA LEU D 151 39.74 -9.36 -25.09
C LEU D 151 39.45 -10.03 -23.75
N THR D 152 40.24 -9.70 -22.72
CA THR D 152 40.13 -10.38 -21.45
C THR D 152 39.87 -9.39 -20.32
N PHE D 153 39.09 -9.84 -19.34
CA PHE D 153 38.77 -9.06 -18.16
C PHE D 153 39.42 -9.67 -16.93
N TYR D 154 39.61 -8.84 -15.89
CA TYR D 154 40.31 -9.27 -14.69
C TYR D 154 39.76 -8.54 -13.47
N SER D 155 39.59 -9.28 -12.38
CA SER D 155 39.24 -8.74 -11.08
C SER D 155 40.49 -8.76 -10.20
N LEU D 156 40.80 -7.62 -9.59
CA LEU D 156 42.09 -7.46 -8.94
C LEU D 156 42.05 -7.70 -7.43
N GLU D 157 40.95 -7.37 -6.77
CA GLU D 157 40.93 -7.57 -5.33
C GLU D 157 39.94 -8.67 -4.95
N PRO D 158 40.27 -9.50 -3.94
CA PRO D 158 41.55 -9.49 -3.22
C PRO D 158 42.70 -10.06 -4.04
N GLN D 159 42.41 -11.03 -4.90
CA GLN D 159 43.39 -11.64 -5.79
C GLN D 159 43.02 -11.36 -7.24
N THR D 160 43.87 -11.83 -8.15
CA THR D 160 43.63 -11.69 -9.58
C THR D 160 42.82 -12.86 -10.09
N GLN D 161 41.83 -12.57 -10.95
CA GLN D 161 40.98 -13.61 -11.53
C GLN D 161 40.73 -13.32 -13.00
N PRO D 162 41.11 -14.22 -13.90
CA PRO D 162 40.80 -14.04 -15.32
C PRO D 162 39.33 -14.32 -15.59
N LEU D 163 38.49 -13.30 -15.40
CA LEU D 163 37.05 -13.53 -15.39
C LEU D 163 36.53 -14.05 -16.71
N TYR D 164 36.94 -13.45 -17.83
CA TYR D 164 36.38 -13.89 -19.10
C TYR D 164 37.24 -13.42 -20.27
N THR D 165 37.07 -14.12 -21.40
CA THR D 165 37.81 -13.88 -22.64
C THR D 165 36.85 -13.89 -23.83
N PHE D 166 37.09 -13.00 -24.78
CA PHE D 166 36.29 -12.87 -25.98
C PHE D 166 37.20 -13.03 -27.19
N HIS D 167 36.83 -13.92 -28.10
CA HIS D 167 37.57 -14.11 -29.34
C HIS D 167 36.86 -13.41 -30.50
N ALA D 168 37.65 -12.68 -31.29
CA ALA D 168 37.07 -11.92 -32.39
C ALA D 168 38.18 -11.52 -33.37
N LEU D 169 37.74 -11.09 -34.56
CA LEU D 169 38.64 -10.53 -35.57
C LEU D 169 38.23 -9.08 -35.81
N PHE D 170 39.19 -8.16 -35.71
CA PHE D 170 38.92 -6.74 -35.75
C PHE D 170 39.41 -6.14 -37.07
N ASN D 171 38.57 -5.32 -37.69
CA ASN D 171 38.94 -4.57 -38.87
C ASN D 171 38.89 -3.06 -38.64
N GLN D 172 38.53 -2.62 -37.45
CA GLN D 172 38.46 -1.22 -37.08
C GLN D 172 39.02 -1.05 -35.67
N PRO D 173 39.54 0.13 -35.34
CA PRO D 173 40.07 0.34 -33.98
C PRO D 173 38.96 0.26 -32.95
N LEU D 174 39.34 0.00 -31.70
CA LEU D 174 38.40 -0.09 -30.60
C LEU D 174 38.48 1.14 -29.72
N THR D 175 37.33 1.63 -29.29
CA THR D 175 37.22 2.74 -28.39
C THR D 175 36.50 2.30 -27.12
N PRO D 176 37.03 2.64 -25.95
CA PRO D 176 36.37 2.27 -24.70
C PRO D 176 35.13 3.13 -24.44
N VAL D 177 34.12 2.52 -23.83
CA VAL D 177 32.85 3.17 -23.57
C VAL D 177 32.31 2.67 -22.23
N PHE D 178 31.72 3.59 -21.47
CA PHE D 178 31.39 3.39 -20.07
C PHE D 178 29.93 3.76 -19.86
N TRP D 179 29.22 2.99 -19.04
CA TRP D 179 27.80 3.19 -18.76
C TRP D 179 27.59 3.33 -17.26
N LEU D 180 26.96 4.42 -16.83
CA LEU D 180 26.87 4.80 -15.42
C LEU D 180 25.42 5.05 -15.01
N LEU D 181 25.11 4.76 -13.75
CA LEU D 181 23.81 5.05 -13.17
C LEU D 181 23.79 6.43 -12.53
N GLU D 182 22.72 6.74 -11.80
CA GLU D 182 22.66 7.99 -11.05
C GLU D 182 23.21 7.82 -9.64
N GLY D 183 24.10 8.75 -9.26
CA GLY D 183 24.80 8.64 -8.01
C GLY D 183 26.04 7.78 -8.06
N ARG D 184 26.50 7.40 -9.25
CA ARG D 184 27.65 6.53 -9.41
C ARG D 184 28.81 7.33 -9.98
N THR D 185 30.03 6.87 -9.69
CA THR D 185 31.24 7.55 -10.12
C THR D 185 32.23 6.53 -10.64
N LEU D 186 33.13 6.97 -11.54
CA LEU D 186 34.10 6.08 -12.16
C LEU D 186 35.41 6.83 -12.37
N THR D 187 36.52 6.25 -11.91
CA THR D 187 37.82 6.89 -12.00
C THR D 187 38.79 6.00 -12.76
N LEU D 188 39.81 6.62 -13.35
CA LEU D 188 40.87 5.86 -14.01
C LEU D 188 42.07 5.72 -13.08
N CYS D 189 43.14 5.15 -13.62
CA CYS D 189 44.43 5.06 -12.94
C CYS D 189 45.53 5.50 -13.89
N HIS D 190 46.64 5.96 -13.32
CA HIS D 190 47.75 6.44 -14.12
C HIS D 190 49.07 6.10 -13.44
N GLN D 191 50.13 6.04 -14.23
CA GLN D 191 51.45 5.71 -13.72
C GLN D 191 52.54 6.31 -14.59
ZN ZN E . -19.17 31.12 16.01
PB ADP F . -3.53 -17.28 -3.64
O1B ADP F . -4.84 -16.58 -3.91
O2B ADP F . -2.45 -16.41 -3.09
O3B ADP F . -3.70 -18.59 -2.92
PA ADP F . -4.15 -18.28 -6.11
O1A ADP F . -4.95 -17.14 -6.66
O2A ADP F . -4.82 -19.44 -5.45
O3A ADP F . -3.05 -17.71 -5.10
O5' ADP F . -3.18 -18.83 -7.27
C5' ADP F . -3.59 -18.65 -8.61
C4' ADP F . -2.42 -19.02 -9.51
O4' ADP F . -2.12 -20.40 -9.38
C3' ADP F . -2.81 -18.79 -10.95
O3' ADP F . -2.12 -17.64 -11.41
C2' ADP F . -2.37 -20.03 -11.69
O2' ADP F . -1.34 -19.69 -12.63
C1' ADP F . -1.78 -20.95 -10.64
N9 ADP F . -2.39 -22.30 -10.78
C8 ADP F . -3.43 -22.76 -10.09
N7 ADP F . -3.74 -24.03 -10.45
C5 ADP F . -2.87 -24.39 -11.39
C6 ADP F . -2.62 -25.60 -12.21
N6 ADP F . -3.40 -26.68 -12.07
N1 ADP F . -1.61 -25.57 -13.09
C2 ADP F . -0.84 -24.49 -13.24
N3 ADP F . -0.99 -23.36 -12.53
C4 ADP F . -1.98 -23.25 -11.61
AL ALF G . -4.32 -15.83 -1.67
F1 ALF G . -5.38 -14.90 -2.76
F2 ALF G . -3.24 -16.82 -0.66
F3 ALF G . -2.98 -14.69 -1.89
F4 ALF G . -5.65 -17.01 -1.49
MG MG H . -7.01 -16.27 -2.52
#